data_7VVJ
#
_entry.id   7VVJ
#
_cell.length_a   1.00
_cell.length_b   1.00
_cell.length_c   1.00
_cell.angle_alpha   90.00
_cell.angle_beta   90.00
_cell.angle_gamma   90.00
#
_symmetry.space_group_name_H-M   'P 1'
#
loop_
_entity.id
_entity.type
_entity.pdbx_description
1 polymer 'Guanine nucleotide-binding protein G(s) subunit alpha isoforms short'
2 polymer 'Guanine nucleotide-binding protein G(I)/G(S)/G(T) subunit beta-1'
3 polymer 'Guanine nucleotide-binding protein G(I)/G(S)/G(O) subunit gamma-2'
4 polymer 'nanobody Nb35'
5 polymer PTHrP[1-36]
6 polymer 'Parathyroid hormone/parathyroid hormone-related peptide receptor'
#
loop_
_entity_poly.entity_id
_entity_poly.type
_entity_poly.pdbx_seq_one_letter_code
_entity_poly.pdbx_strand_id
1 'polypeptide(L)'
;GNSKTEDQRNEEKAQREANKKIEKQLQKDKQVYRATHRLLLLGADNSGKSTIVKQMRIYHVNGFNGEGGEEDPQAARSNS
DGEKATKVQDIKNNLKEAIETIVAAMSNLVPPVELANPENQFRVDYILSVMNVPDFDFPPEFYEHAKALWEDEGVRACYE
RSNEYQLIDCAQYFLDKIDVIKQADYVPSDQDLLRCRVLTSGIFETKFQVDKVNFHMFDVGGQRDERRKWIQCFNDVTAI
IFVVDSSDYNRLQEALNLFKSIWNNRWLRTISVILFLNKQDLLAEKVLAGKSKIEDYFPEFARYTTPEDATPEPGEDPRV
TRAKYFIRDEFLRISTASGDGRHYCYPHFTCAVDTENARRIFNDCRDIIQRMHLRQYELL
;
A
2 'polypeptide(L)'
;MHHHHHHGSLLQSELDQLRQEAEQLKNQIRDARKACADATLSQITNNIDPVGRIQMRTRRTLRGHLAKIYAMHWGTDSRL
LVSASQDGKLIIWDSYTTNKVHAIPLRSSWVMTCAYAPSGNYVACGGLDNICSIYNLKTREGNVRVSRELAGHTGYLSCC
RFLDDNQIVTSSGDTTCALWDIETGQQTTTFTGHTGDVMSLSLAPDTRLFVSGACDASAKLWDVREGMCRQTFTGHESDI
NAICFFPNGNAFATGSDDATCRLFDLRADQELMTYSHDNIICGITSVSFSKSGRLLLAGYDDFNCNVWDALKADRAGVLA
GHDNRVSCLGVTDDGMAVATGSWDSFLKIWN
;
B
3 'polypeptide(L)' MASNNTASIAQARKLVEQLKMEANIDRIKVSKAAADLMAYCEAHAKEDPLLTPVPASENPFREKKFFS G
4 'polypeptide(L)'
;MGQVQLQESGGGLVQPGGSLRLSCAASGFTFSNYKMNWVRQAPGKGLEWVSDISQSGASISYTGSVKGRFTISRDNAKNT
LYLQMNSLKPEDTAVYYCARCPAPFTRDCFDVTSTTYAYRGQGTQVTVSSLHHHHHH
;
N
5 'polypeptide(L)' AVSEHQLLHDKGKSIQDLRRRFFLHHLIAEIHTAEI P
6 'polypeptide(L)'
;DYKDDDDDADDVMTKEEQIFLLHRAQAQCEKRLKEVLQRPASIMESDKGWTSASTSGKPRKDKASGKLYPESEEDKEAPT
GSRYRGRPCLPEWDHILCWPLGAPGEVVAVPCPDYIYDFNHKGHAYRRCDRNGSWELVPGHNRTWANYSECVKFLTNETR
EREVFDRLGMIYTVGYSVSLASLTVAVLILAYFRRLHCTRNYIHMHLFLSFMLRAVSIFVKDAVLYSGATLDEAERLTEE
ELRAIAQAPPPPATAAAGYAGCRVAVTFFLYFLATNYYWILVEGLYLHSLIFMAFFSEKKYLWGFTVFGWGLPAVFVAVW
VSVRATLANTGCWDLSSGNKKWIIQVPILASIVLNFILFINIVRVLATKLRETNAGRCDTRQQYRKLLKSTLVLMPLFGV
HYIVFMATPYTEVSGTLWQVQMHYEMLFNSFQGFFVAIIYCFCNGEVQAEIKKSWSRWTLALDFKRKARSGSSSYSYGPM
VS
;
R
#
# COMPACT_ATOMS: atom_id res chain seq x y z
N GLU A 6 -14.42 46.45 -10.73
CA GLU A 6 -14.51 45.00 -11.07
C GLU A 6 -14.84 44.15 -9.83
N ASP A 7 -14.07 44.29 -8.73
CA ASP A 7 -14.10 43.43 -7.51
C ASP A 7 -14.07 41.92 -7.84
N GLN A 8 -13.63 41.53 -9.05
CA GLN A 8 -13.53 40.14 -9.52
C GLN A 8 -12.28 39.51 -8.87
N ARG A 9 -11.20 40.30 -8.73
CA ARG A 9 -9.96 39.95 -7.96
C ARG A 9 -10.31 39.75 -6.48
N ASN A 10 -11.19 40.60 -5.92
CA ASN A 10 -11.55 40.58 -4.48
C ASN A 10 -12.22 39.23 -4.17
N GLU A 11 -13.17 38.78 -5.01
CA GLU A 11 -13.86 37.48 -4.78
C GLU A 11 -12.81 36.36 -4.80
N GLU A 12 -11.89 36.39 -5.74
CA GLU A 12 -10.86 35.32 -5.87
C GLU A 12 -9.90 35.47 -4.70
N LYS A 13 -9.62 36.68 -4.26
CA LYS A 13 -8.69 36.91 -3.13
C LYS A 13 -9.28 36.29 -1.87
N ALA A 14 -10.59 36.46 -1.62
CA ALA A 14 -11.29 35.89 -0.44
C ALA A 14 -11.34 34.36 -0.52
N GLN A 15 -11.41 33.81 -1.73
CA GLN A 15 -11.44 32.35 -1.94
C GLN A 15 -10.10 31.73 -1.53
N ARG A 16 -8.97 32.26 -2.02
CA ARG A 16 -7.61 31.75 -1.65
C ARG A 16 -7.38 32.00 -0.17
N GLU A 17 -7.90 33.11 0.38
CA GLU A 17 -7.84 33.36 1.84
C GLU A 17 -8.58 32.24 2.59
N ALA A 18 -9.78 31.88 2.16
CA ALA A 18 -10.62 30.86 2.84
C ALA A 18 -9.99 29.47 2.68
N ASN A 19 -9.45 29.16 1.50
CA ASN A 19 -8.78 27.85 1.26
C ASN A 19 -7.55 27.79 2.14
N LYS A 20 -6.83 28.90 2.32
CA LYS A 20 -5.59 28.91 3.13
C LYS A 20 -5.94 28.56 4.56
N LYS A 21 -6.98 29.18 5.12
CA LYS A 21 -7.44 28.89 6.50
C LYS A 21 -7.91 27.43 6.59
N ILE A 22 -8.74 26.96 5.64
CA ILE A 22 -9.32 25.59 5.64
C ILE A 22 -8.18 24.59 5.57
N GLU A 23 -7.16 24.86 4.77
CA GLU A 23 -6.12 23.84 4.50
C GLU A 23 -5.27 23.65 5.76
N LYS A 24 -5.14 24.68 6.60
CA LYS A 24 -4.27 24.57 7.79
C LYS A 24 -4.99 23.85 8.93
N GLN A 25 -6.33 23.70 8.90
CA GLN A 25 -7.00 22.75 9.83
C GLN A 25 -6.85 21.34 9.28
N LEU A 26 -6.90 21.13 7.97
CA LEU A 26 -6.78 19.75 7.46
C LEU A 26 -5.37 19.24 7.77
N GLN A 27 -4.39 20.12 7.95
CA GLN A 27 -3.02 19.71 8.35
C GLN A 27 -3.01 19.32 9.81
N LYS A 28 -3.71 20.09 10.66
CA LYS A 28 -3.83 19.77 12.11
C LYS A 28 -4.59 18.45 12.26
N ASP A 29 -5.65 18.27 11.47
CA ASP A 29 -6.52 17.07 11.45
C ASP A 29 -5.79 15.89 10.86
N LYS A 30 -4.86 16.12 9.95
CA LYS A 30 -4.02 15.03 9.38
C LYS A 30 -3.14 14.48 10.48
N GLN A 31 -2.67 15.31 11.42
CA GLN A 31 -1.72 14.85 12.46
C GLN A 31 -2.44 13.86 13.37
N VAL A 32 -3.61 14.25 13.86
CA VAL A 32 -4.40 13.44 14.83
C VAL A 32 -4.94 12.17 14.16
N TYR A 33 -5.38 12.26 12.92
CA TYR A 33 -5.91 11.11 12.17
C TYR A 33 -4.81 10.08 11.99
N ARG A 34 -3.60 10.45 11.56
CA ARG A 34 -2.49 9.48 11.40
C ARG A 34 -2.06 8.94 12.78
N ALA A 35 -2.20 9.71 13.85
CA ALA A 35 -1.78 9.27 15.19
C ALA A 35 -2.64 8.11 15.71
N THR A 36 -3.96 8.24 15.64
CA THR A 36 -4.90 7.29 16.31
C THR A 36 -4.97 6.03 15.48
N HIS A 37 -5.05 4.88 16.15
CA HIS A 37 -5.23 3.55 15.51
C HIS A 37 -6.69 3.17 15.63
N ARG A 38 -7.36 2.98 14.50
CA ARG A 38 -8.78 2.56 14.45
C ARG A 38 -8.80 1.04 14.42
N LEU A 39 -9.68 0.45 15.20
CA LEU A 39 -9.89 -1.00 15.34
C LEU A 39 -11.37 -1.32 15.12
N LEU A 40 -11.64 -2.47 14.55
CA LEU A 40 -13.03 -2.96 14.35
C LEU A 40 -13.21 -4.16 15.29
N LEU A 41 -14.08 -3.98 16.28
CA LEU A 41 -14.43 -5.05 17.23
C LEU A 41 -15.60 -5.82 16.64
N LEU A 42 -15.38 -7.06 16.29
CA LEU A 42 -16.34 -7.85 15.50
C LEU A 42 -16.40 -9.24 16.10
N GLY A 43 -17.50 -9.55 16.76
CA GLY A 43 -17.75 -10.84 17.41
C GLY A 43 -19.20 -11.27 17.23
N ALA A 44 -19.69 -12.00 18.23
CA ALA A 44 -21.04 -12.58 18.26
C ALA A 44 -21.76 -12.11 19.53
N ASP A 45 -23.07 -12.30 19.60
CA ASP A 45 -23.85 -11.90 20.79
C ASP A 45 -23.41 -12.73 21.98
N ASN A 46 -23.16 -14.02 21.75
CA ASN A 46 -22.67 -14.97 22.78
C ASN A 46 -21.17 -14.83 23.03
N SER A 47 -20.43 -14.10 22.18
CA SER A 47 -18.95 -13.99 22.22
C SER A 47 -18.51 -13.33 23.51
N GLY A 48 -19.17 -12.26 23.90
CA GLY A 48 -18.76 -11.47 25.07
C GLY A 48 -17.79 -10.39 24.67
N LYS A 49 -18.07 -9.67 23.57
CA LYS A 49 -17.33 -8.44 23.20
C LYS A 49 -17.58 -7.38 24.28
N SER A 50 -18.81 -7.34 24.81
CA SER A 50 -19.26 -6.40 25.85
C SER A 50 -18.31 -6.35 27.07
N THR A 51 -17.61 -7.43 27.40
CA THR A 51 -16.71 -7.47 28.57
C THR A 51 -15.32 -6.98 28.20
N ILE A 52 -14.88 -7.14 26.96
CA ILE A 52 -13.53 -6.63 26.52
C ILE A 52 -13.61 -5.10 26.50
N VAL A 53 -14.68 -4.52 25.94
CA VAL A 53 -14.94 -3.04 25.95
C VAL A 53 -15.02 -2.54 27.40
N LYS A 54 -15.66 -3.29 28.31
CA LYS A 54 -15.71 -2.90 29.74
C LYS A 54 -14.31 -2.91 30.37
N GLN A 55 -13.37 -3.68 29.83
CA GLN A 55 -11.96 -3.70 30.31
C GLN A 55 -11.11 -2.67 29.58
N MET A 56 -11.69 -1.85 28.70
CA MET A 56 -10.93 -0.77 28.00
C MET A 56 -11.02 0.52 28.84
N ARG A 57 -9.88 0.98 29.36
CA ARG A 57 -9.76 2.17 30.24
C ARG A 57 -9.01 3.29 29.47
N ILE A 58 -9.40 4.53 29.74
CA ILE A 58 -8.99 5.74 28.96
C ILE A 58 -7.48 5.96 29.15
N GLY A 202 -26.00 3.05 16.66
CA GLY A 202 -25.62 2.71 15.28
C GLY A 202 -24.25 2.05 15.18
N ILE A 203 -23.20 2.77 15.52
CA ILE A 203 -21.83 2.20 15.63
C ILE A 203 -21.33 2.74 16.97
N PHE A 204 -21.08 1.87 17.93
CA PHE A 204 -20.57 2.27 19.25
C PHE A 204 -19.06 2.43 19.15
N GLU A 205 -18.54 3.61 19.46
CA GLU A 205 -17.09 3.92 19.45
C GLU A 205 -16.57 3.96 20.88
N THR A 206 -15.49 3.24 21.13
CA THR A 206 -14.83 3.18 22.46
C THR A 206 -13.42 3.71 22.29
N LYS A 207 -13.02 4.67 23.13
CA LYS A 207 -11.66 5.27 23.08
C LYS A 207 -10.85 4.70 24.24
N PHE A 208 -9.62 4.34 23.97
CA PHE A 208 -8.65 4.06 25.02
C PHE A 208 -7.25 4.38 24.51
N GLN A 209 -6.31 4.57 25.44
CA GLN A 209 -4.89 4.83 25.12
C GLN A 209 -4.00 3.95 25.98
N VAL A 210 -2.88 3.53 25.39
CA VAL A 210 -1.83 2.72 26.07
C VAL A 210 -0.48 3.36 25.73
N ASP A 211 0.31 3.73 26.73
CA ASP A 211 1.63 4.39 26.50
C ASP A 211 1.45 5.59 25.57
N LYS A 212 0.47 6.45 25.86
CA LYS A 212 0.23 7.69 25.11
C LYS A 212 0.08 7.35 23.63
N VAL A 213 -0.56 6.23 23.31
CA VAL A 213 -1.03 5.94 21.93
C VAL A 213 -2.55 5.80 21.95
N ASN A 214 -3.26 6.62 21.18
CA ASN A 214 -4.73 6.59 21.13
C ASN A 214 -5.20 5.41 20.27
N PHE A 215 -6.28 4.76 20.70
CA PHE A 215 -6.97 3.67 19.97
C PHE A 215 -8.47 3.99 19.90
N HIS A 216 -9.08 3.72 18.76
CA HIS A 216 -10.54 3.89 18.53
C HIS A 216 -11.11 2.54 18.07
N MET A 217 -11.99 1.96 18.88
CA MET A 217 -12.56 0.63 18.62
C MET A 217 -14.05 0.79 18.32
N PHE A 218 -14.50 0.25 17.21
CA PHE A 218 -15.87 0.41 16.71
C PHE A 218 -16.62 -0.91 16.83
N ASP A 219 -17.71 -0.92 17.59
CA ASP A 219 -18.65 -2.07 17.70
C ASP A 219 -19.79 -1.72 16.77
N VAL A 220 -19.85 -2.33 15.61
CA VAL A 220 -20.90 -2.02 14.60
C VAL A 220 -22.17 -2.77 14.99
N GLY A 221 -22.89 -2.24 15.96
CA GLY A 221 -24.12 -2.82 16.53
C GLY A 221 -25.30 -1.94 16.21
N GLY A 222 -26.26 -2.45 15.44
CA GLY A 222 -27.29 -1.57 14.87
C GLY A 222 -27.58 -1.88 13.43
N GLN A 223 -26.60 -2.38 12.70
CA GLN A 223 -26.89 -3.02 11.41
C GLN A 223 -27.53 -4.41 11.58
N ARG A 224 -28.16 -4.90 10.52
CA ARG A 224 -28.73 -6.27 10.43
C ARG A 224 -27.58 -7.27 10.27
N ASP A 225 -27.91 -8.55 10.32
CA ASP A 225 -26.94 -9.67 10.22
C ASP A 225 -26.22 -9.69 8.87
N GLU A 226 -26.78 -9.10 7.78
CA GLU A 226 -26.09 -9.09 6.45
C GLU A 226 -24.99 -8.04 6.43
N ARG A 227 -23.73 -8.47 6.41
CA ARG A 227 -22.55 -7.60 6.69
C ARG A 227 -21.59 -7.70 5.51
N ARG A 228 -22.06 -7.95 4.30
CA ARG A 228 -21.15 -7.97 3.14
C ARG A 228 -20.94 -6.59 2.54
N LYS A 229 -21.61 -5.52 2.96
CA LYS A 229 -21.49 -4.18 2.30
C LYS A 229 -21.00 -3.11 3.28
N TRP A 230 -21.38 -3.11 4.55
CA TRP A 230 -20.72 -2.21 5.51
C TRP A 230 -19.36 -2.76 5.99
N ILE A 231 -19.01 -4.03 5.81
CA ILE A 231 -17.68 -4.54 6.22
C ILE A 231 -16.59 -3.90 5.35
N GLN A 232 -16.93 -3.43 4.17
CA GLN A 232 -15.97 -2.80 3.25
C GLN A 232 -15.56 -1.42 3.76
N CYS A 233 -16.34 -0.73 4.59
CA CYS A 233 -15.94 0.57 5.20
C CYS A 233 -14.65 0.43 5.97
N PHE A 234 -14.29 -0.74 6.48
CA PHE A 234 -13.19 -0.89 7.47
C PHE A 234 -12.01 -1.56 6.82
N ASN A 235 -11.66 -1.18 5.59
CA ASN A 235 -10.51 -1.74 4.87
C ASN A 235 -9.21 -1.02 5.25
N ASP A 236 -9.31 0.12 5.94
CA ASP A 236 -8.17 0.96 6.34
C ASP A 236 -7.84 0.75 7.81
N VAL A 237 -8.58 -0.08 8.55
CA VAL A 237 -8.38 -0.16 10.03
C VAL A 237 -7.11 -0.94 10.34
N THR A 238 -6.50 -0.64 11.49
CA THR A 238 -5.18 -1.17 11.88
C THR A 238 -5.30 -2.68 12.08
N ALA A 239 -6.37 -3.11 12.72
CA ALA A 239 -6.63 -4.53 12.95
C ALA A 239 -8.10 -4.77 13.15
N ILE A 240 -8.53 -6.00 12.93
CA ILE A 240 -9.89 -6.48 13.27
C ILE A 240 -9.76 -7.28 14.55
N ILE A 241 -10.35 -6.82 15.64
CA ILE A 241 -10.38 -7.61 16.89
C ILE A 241 -11.54 -8.57 16.76
N PHE A 242 -11.26 -9.83 16.61
CA PHE A 242 -12.25 -10.91 16.52
C PHE A 242 -12.38 -11.53 17.90
N VAL A 243 -13.58 -11.55 18.45
CA VAL A 243 -13.82 -12.19 19.77
C VAL A 243 -14.69 -13.41 19.53
N VAL A 244 -14.31 -14.55 20.09
CA VAL A 244 -15.02 -15.84 19.87
C VAL A 244 -15.32 -16.40 21.24
N ASP A 245 -16.55 -16.88 21.43
CA ASP A 245 -16.89 -17.66 22.63
C ASP A 245 -16.28 -19.05 22.43
N SER A 246 -15.12 -19.28 23.00
CA SER A 246 -14.38 -20.56 22.85
C SER A 246 -15.12 -21.69 23.56
N SER A 247 -15.94 -21.38 24.55
CA SER A 247 -16.71 -22.39 25.32
C SER A 247 -17.96 -22.86 24.57
N ASP A 248 -18.41 -22.15 23.52
CA ASP A 248 -19.69 -22.47 22.85
C ASP A 248 -19.39 -23.32 21.60
N TYR A 249 -19.45 -24.64 21.77
CA TYR A 249 -18.98 -25.55 20.71
C TYR A 249 -19.91 -25.49 19.50
N ASN A 250 -21.21 -25.32 19.73
CA ASN A 250 -22.22 -25.40 18.65
C ASN A 250 -21.96 -24.31 17.61
N ARG A 251 -21.64 -23.11 18.08
CA ARG A 251 -21.50 -21.93 17.21
C ARG A 251 -20.06 -21.76 16.70
N LEU A 252 -19.14 -22.67 16.97
CA LEU A 252 -17.73 -22.38 16.62
C LEU A 252 -17.55 -22.44 15.10
N GLN A 253 -18.29 -23.28 14.39
CA GLN A 253 -18.17 -23.28 12.91
C GLN A 253 -18.77 -21.97 12.34
N GLU A 254 -19.75 -21.33 12.99
CA GLU A 254 -20.21 -19.98 12.61
C GLU A 254 -19.00 -19.06 12.71
N ALA A 255 -18.31 -19.09 13.85
CA ALA A 255 -17.15 -18.20 14.10
C ALA A 255 -16.05 -18.50 13.09
N LEU A 256 -15.77 -19.77 12.80
CA LEU A 256 -14.72 -20.15 11.81
C LEU A 256 -15.13 -19.72 10.40
N ASN A 257 -16.38 -19.89 10.01
CA ASN A 257 -16.79 -19.47 8.67
C ASN A 257 -16.75 -17.94 8.57
N LEU A 258 -17.12 -17.20 9.63
CA LEU A 258 -17.04 -15.72 9.62
C LEU A 258 -15.60 -15.33 9.47
N PHE A 259 -14.73 -15.99 10.22
CA PHE A 259 -13.27 -15.69 10.22
C PHE A 259 -12.73 -15.95 8.81
N LYS A 260 -13.17 -17.03 8.17
CA LYS A 260 -12.67 -17.39 6.83
C LYS A 260 -13.06 -16.32 5.82
N SER A 261 -14.28 -15.76 5.92
CA SER A 261 -14.82 -14.77 4.94
C SER A 261 -14.11 -13.45 5.10
N ILE A 262 -13.83 -13.04 6.33
CA ILE A 262 -13.07 -11.80 6.58
C ILE A 262 -11.66 -12.00 6.03
N TRP A 263 -11.01 -13.12 6.33
CA TRP A 263 -9.61 -13.38 5.93
C TRP A 263 -9.52 -13.25 4.43
N ASN A 264 -10.44 -13.88 3.69
CA ASN A 264 -10.34 -14.07 2.22
C ASN A 264 -11.13 -12.99 1.50
N ASN A 265 -11.60 -11.96 2.18
CA ASN A 265 -12.32 -10.86 1.48
C ASN A 265 -11.31 -10.06 0.64
N ARG A 266 -11.75 -9.63 -0.54
CA ARG A 266 -10.91 -8.82 -1.47
C ARG A 266 -10.47 -7.53 -0.78
N TRP A 267 -11.36 -6.89 -0.06
CA TRP A 267 -11.15 -5.57 0.56
C TRP A 267 -10.58 -5.71 1.96
N LEU A 268 -10.43 -6.90 2.52
CA LEU A 268 -9.81 -7.06 3.85
C LEU A 268 -8.61 -8.01 3.79
N ARG A 269 -8.00 -8.24 2.63
CA ARG A 269 -6.85 -9.19 2.52
C ARG A 269 -5.54 -8.49 2.87
N THR A 270 -5.59 -7.36 3.55
CA THR A 270 -4.41 -6.69 4.11
C THR A 270 -4.71 -6.18 5.51
N ILE A 271 -5.72 -6.72 6.18
CA ILE A 271 -6.09 -6.31 7.55
C ILE A 271 -5.79 -7.50 8.43
N SER A 272 -4.92 -7.30 9.38
CA SER A 272 -4.54 -8.32 10.37
C SER A 272 -5.67 -8.46 11.37
N VAL A 273 -5.74 -9.62 11.98
CA VAL A 273 -6.84 -10.00 12.91
C VAL A 273 -6.24 -10.34 14.25
N ILE A 274 -6.69 -9.70 15.28
CA ILE A 274 -6.28 -9.98 16.68
C ILE A 274 -7.40 -10.84 17.24
N LEU A 275 -7.30 -12.13 17.02
CA LEU A 275 -8.29 -13.11 17.51
C LEU A 275 -8.21 -13.25 19.05
N PHE A 276 -9.35 -13.21 19.71
CA PHE A 276 -9.47 -13.31 21.18
C PHE A 276 -10.43 -14.44 21.48
N LEU A 277 -9.90 -15.53 22.03
CA LEU A 277 -10.68 -16.76 22.33
C LEU A 277 -11.23 -16.60 23.74
N ASN A 278 -12.36 -15.90 23.83
CA ASN A 278 -12.94 -15.42 25.10
C ASN A 278 -13.52 -16.60 25.88
N LYS A 279 -13.90 -16.33 27.12
CA LYS A 279 -14.65 -17.23 28.02
C LYS A 279 -13.85 -18.50 28.22
N GLN A 280 -12.55 -18.37 28.52
CA GLN A 280 -11.67 -19.55 28.74
C GLN A 280 -12.08 -20.29 30.00
N ASP A 281 -12.57 -19.58 31.02
CA ASP A 281 -12.95 -20.17 32.32
C ASP A 281 -14.15 -21.08 32.12
N LEU A 282 -15.10 -20.70 31.27
CA LEU A 282 -16.27 -21.55 30.95
C LEU A 282 -15.82 -22.80 30.19
N LEU A 283 -14.86 -22.66 29.29
CA LEU A 283 -14.36 -23.81 28.47
C LEU A 283 -13.71 -24.81 29.42
N ALA A 284 -12.97 -24.34 30.41
CA ALA A 284 -12.28 -25.19 31.39
C ALA A 284 -13.32 -26.01 32.14
N GLU A 285 -14.44 -25.40 32.54
CA GLU A 285 -15.46 -26.10 33.33
C GLU A 285 -16.15 -27.13 32.45
N LYS A 286 -16.45 -26.74 31.20
CA LYS A 286 -17.17 -27.61 30.23
C LYS A 286 -16.34 -28.87 29.95
N VAL A 287 -15.03 -28.74 29.78
CA VAL A 287 -14.13 -29.87 29.43
C VAL A 287 -14.04 -30.84 30.59
N LEU A 288 -13.83 -30.34 31.80
CA LEU A 288 -13.66 -31.20 33.00
C LEU A 288 -14.97 -31.91 33.34
N ALA A 289 -16.13 -31.31 33.03
CA ALA A 289 -17.44 -31.94 33.28
C ALA A 289 -17.53 -33.27 32.49
N GLY A 290 -17.07 -33.28 31.24
CA GLY A 290 -17.11 -34.44 30.34
C GLY A 290 -18.51 -34.75 29.82
N LYS A 291 -19.43 -33.79 29.84
CA LYS A 291 -20.81 -34.00 29.33
C LYS A 291 -20.79 -33.79 27.81
N SER A 292 -20.40 -32.60 27.40
CA SER A 292 -20.36 -32.17 25.97
C SER A 292 -18.94 -32.40 25.47
N LYS A 293 -18.81 -33.06 24.33
CA LYS A 293 -17.49 -33.48 23.78
C LYS A 293 -17.17 -32.59 22.58
N ILE A 294 -15.93 -32.16 22.46
CA ILE A 294 -15.46 -31.38 21.29
C ILE A 294 -15.53 -32.30 20.07
N GLU A 295 -15.23 -33.58 20.25
CA GLU A 295 -15.24 -34.57 19.14
C GLU A 295 -16.64 -34.69 18.50
N ASP A 296 -17.71 -34.33 19.22
CA ASP A 296 -19.09 -34.34 18.66
C ASP A 296 -19.22 -33.36 17.49
N TYR A 297 -18.67 -32.16 17.63
CA TYR A 297 -18.77 -31.10 16.60
C TYR A 297 -17.49 -31.02 15.79
N PHE A 298 -16.46 -31.80 16.09
CA PHE A 298 -15.18 -31.77 15.35
C PHE A 298 -14.56 -33.15 15.34
N PRO A 299 -14.78 -33.97 14.29
CA PRO A 299 -14.23 -35.33 14.30
C PRO A 299 -12.70 -35.36 14.12
N GLU A 300 -12.09 -34.27 13.68
CA GLU A 300 -10.61 -34.12 13.64
C GLU A 300 -10.01 -34.09 15.06
N PHE A 301 -10.81 -33.89 16.09
CA PHE A 301 -10.30 -33.82 17.47
C PHE A 301 -10.04 -35.22 17.99
N ALA A 302 -10.51 -36.28 17.34
CA ALA A 302 -10.20 -37.66 17.80
C ALA A 302 -8.67 -37.87 17.84
N ARG A 303 -7.98 -37.42 16.80
CA ARG A 303 -6.52 -37.62 16.61
C ARG A 303 -5.86 -36.23 16.68
N TYR A 304 -5.71 -35.70 17.89
CA TYR A 304 -5.04 -34.40 18.11
C TYR A 304 -4.37 -34.41 19.47
N THR A 305 -3.12 -33.94 19.49
CA THR A 305 -2.28 -33.87 20.70
C THR A 305 -1.82 -32.43 20.87
N THR A 306 -1.63 -32.06 22.13
CA THR A 306 -1.25 -30.67 22.47
C THR A 306 0.04 -30.34 21.74
N PRO A 307 0.10 -29.25 20.96
CA PRO A 307 1.32 -28.91 20.25
C PRO A 307 2.45 -28.61 21.24
N GLU A 308 3.67 -28.87 20.79
CA GLU A 308 4.90 -28.75 21.61
C GLU A 308 5.06 -27.28 22.05
N ASP A 309 4.88 -26.34 21.12
CA ASP A 309 4.85 -24.88 21.41
C ASP A 309 3.56 -24.56 22.16
N ALA A 310 3.53 -24.83 23.47
CA ALA A 310 2.36 -24.60 24.35
C ALA A 310 2.82 -24.10 25.71
N THR A 311 2.10 -23.13 26.26
CA THR A 311 2.45 -22.48 27.54
C THR A 311 1.22 -22.54 28.43
N PRO A 312 0.81 -23.75 28.90
CA PRO A 312 -0.30 -23.83 29.84
C PRO A 312 0.05 -23.21 31.20
N GLU A 313 -0.93 -22.50 31.77
CA GLU A 313 -0.82 -21.93 33.14
C GLU A 313 -0.82 -23.10 34.12
N PRO A 314 -0.16 -22.97 35.29
CA PRO A 314 -0.15 -24.06 36.27
C PRO A 314 -1.56 -24.36 36.82
N GLY A 315 -1.82 -25.63 37.13
CA GLY A 315 -3.14 -26.11 37.59
C GLY A 315 -4.15 -26.34 36.47
N GLU A 316 -3.79 -26.09 35.19
CA GLU A 316 -4.61 -26.47 34.00
C GLU A 316 -4.42 -27.95 33.73
N ASP A 317 -5.52 -28.69 33.59
CA ASP A 317 -5.46 -30.10 33.20
C ASP A 317 -4.90 -30.22 31.78
N PRO A 318 -4.23 -31.34 31.43
CA PRO A 318 -3.87 -31.60 30.03
C PRO A 318 -5.08 -31.60 29.08
N ARG A 319 -6.25 -32.05 29.57
CA ARG A 319 -7.56 -32.05 28.85
C ARG A 319 -7.91 -30.63 28.41
N VAL A 320 -7.80 -29.67 29.32
CA VAL A 320 -8.24 -28.28 29.06
C VAL A 320 -7.29 -27.65 28.07
N THR A 321 -6.02 -28.04 28.12
CA THR A 321 -5.01 -27.49 27.21
C THR A 321 -5.21 -28.06 25.80
N ARG A 322 -5.59 -29.33 25.66
CA ARG A 322 -5.81 -29.89 24.31
C ARG A 322 -6.96 -29.13 23.67
N ALA A 323 -8.03 -28.94 24.43
CA ALA A 323 -9.23 -28.24 23.92
C ALA A 323 -8.83 -26.82 23.54
N LYS A 324 -8.08 -26.15 24.38
CA LYS A 324 -7.70 -24.76 24.11
C LYS A 324 -6.93 -24.69 22.80
N TYR A 325 -5.96 -25.55 22.57
CA TYR A 325 -5.04 -25.39 21.43
C TYR A 325 -5.69 -25.97 20.17
N PHE A 326 -6.70 -26.84 20.30
CA PHE A 326 -7.39 -27.40 19.13
C PHE A 326 -8.26 -26.33 18.52
N ILE A 327 -9.01 -25.62 19.37
CA ILE A 327 -9.94 -24.54 18.97
C ILE A 327 -9.08 -23.49 18.28
N ARG A 328 -7.99 -23.08 18.91
CA ARG A 328 -7.08 -22.04 18.38
C ARG A 328 -6.48 -22.52 17.07
N ASP A 329 -6.08 -23.78 16.98
CA ASP A 329 -5.42 -24.27 15.74
C ASP A 329 -6.41 -24.27 14.58
N GLU A 330 -7.72 -24.44 14.84
CA GLU A 330 -8.78 -24.38 13.78
C GLU A 330 -8.76 -23.01 13.11
N PHE A 331 -8.55 -21.93 13.88
CA PHE A 331 -8.46 -20.57 13.34
C PHE A 331 -7.14 -20.44 12.60
N LEU A 332 -6.05 -20.95 13.18
CA LEU A 332 -4.70 -20.73 12.57
C LEU A 332 -4.57 -21.61 11.33
N ARG A 333 -5.33 -22.67 11.22
CA ARG A 333 -5.33 -23.51 10.02
C ARG A 333 -5.91 -22.69 8.86
N ILE A 334 -6.89 -21.83 9.09
CA ILE A 334 -7.47 -20.96 8.02
C ILE A 334 -6.46 -19.87 7.66
N SER A 335 -5.81 -19.33 8.69
CA SER A 335 -4.91 -18.16 8.56
C SER A 335 -3.68 -18.56 7.75
N THR A 336 -3.17 -19.77 7.97
CA THR A 336 -1.91 -20.23 7.35
C THR A 336 -2.17 -20.77 5.95
N ALA A 337 -3.43 -20.98 5.56
CA ALA A 337 -3.78 -21.64 4.30
C ALA A 337 -3.89 -20.61 3.18
N SER A 338 -3.83 -19.31 3.50
CA SER A 338 -3.85 -18.22 2.49
C SER A 338 -3.22 -16.96 3.08
N GLY A 339 -3.39 -15.82 2.41
CA GLY A 339 -2.98 -14.50 2.91
C GLY A 339 -1.60 -14.12 2.38
N ASP A 340 -0.65 -15.06 2.42
CA ASP A 340 0.61 -14.97 1.64
C ASP A 340 1.36 -13.67 2.00
N GLY A 341 1.37 -13.31 3.29
CA GLY A 341 2.29 -12.30 3.85
C GLY A 341 1.66 -10.94 4.06
N ARG A 342 0.52 -10.61 3.45
CA ARG A 342 -0.07 -9.26 3.66
C ARG A 342 -0.63 -9.11 5.08
N HIS A 343 -1.15 -10.16 5.72
CA HIS A 343 -1.84 -10.00 7.03
C HIS A 343 -1.66 -11.25 7.87
N TYR A 344 -1.74 -11.07 9.17
CA TYR A 344 -1.43 -12.12 10.14
C TYR A 344 -2.53 -12.18 11.19
N CYS A 345 -2.54 -13.29 11.88
CA CYS A 345 -3.50 -13.63 12.93
C CYS A 345 -2.75 -13.66 14.27
N TYR A 346 -3.36 -13.13 15.29
CA TYR A 346 -2.80 -12.99 16.63
C TYR A 346 -3.80 -13.60 17.59
N PRO A 347 -3.78 -14.92 17.80
CA PRO A 347 -4.61 -15.54 18.82
C PRO A 347 -4.16 -15.32 20.26
N HIS A 348 -5.13 -15.01 21.13
CA HIS A 348 -4.98 -14.90 22.59
C HIS A 348 -6.09 -15.64 23.34
N PHE A 349 -5.81 -16.10 24.53
CA PHE A 349 -6.78 -16.83 25.38
C PHE A 349 -7.17 -15.91 26.51
N THR A 350 -8.38 -15.40 26.48
CA THR A 350 -8.84 -14.29 27.37
C THR A 350 -9.97 -14.77 28.25
N CYS A 351 -9.91 -14.43 29.53
CA CYS A 351 -10.98 -14.75 30.52
C CYS A 351 -11.87 -13.52 30.61
N ALA A 352 -12.96 -13.58 31.35
CA ALA A 352 -13.81 -12.39 31.64
C ALA A 352 -13.11 -11.47 32.65
N VAL A 353 -12.31 -12.06 33.54
CA VAL A 353 -11.66 -11.39 34.70
C VAL A 353 -10.25 -10.90 34.33
N ASP A 354 -9.76 -11.26 33.14
CA ASP A 354 -8.45 -10.81 32.62
C ASP A 354 -8.45 -9.28 32.48
N THR A 355 -7.29 -8.67 32.73
CA THR A 355 -7.07 -7.20 32.66
C THR A 355 -6.11 -6.79 31.55
N GLU A 356 -5.06 -7.57 31.24
CA GLU A 356 -3.96 -7.11 30.34
C GLU A 356 -4.39 -7.24 28.88
N ASN A 357 -5.54 -6.70 28.47
CA ASN A 357 -6.05 -6.92 27.09
C ASN A 357 -5.77 -5.68 26.23
N ALA A 358 -5.81 -4.48 26.80
CA ALA A 358 -5.43 -3.24 26.11
C ALA A 358 -3.94 -3.30 25.79
N ARG A 359 -3.13 -3.85 26.70
CA ARG A 359 -1.68 -4.04 26.49
C ARG A 359 -1.49 -4.99 25.32
N ARG A 360 -2.22 -6.12 25.32
CA ARG A 360 -2.06 -7.16 24.27
C ARG A 360 -2.34 -6.50 22.93
N ILE A 361 -3.37 -5.67 22.81
CA ILE A 361 -3.78 -5.06 21.51
C ILE A 361 -2.73 -4.01 21.13
N PHE A 362 -2.24 -3.23 22.10
CA PHE A 362 -1.12 -2.26 21.88
C PHE A 362 0.12 -3.00 21.35
N ASN A 363 0.46 -4.13 21.97
CA ASN A 363 1.59 -4.94 21.53
C ASN A 363 1.34 -5.46 20.11
N ASP A 364 0.18 -5.99 19.84
CA ASP A 364 -0.09 -6.67 18.55
C ASP A 364 -0.29 -5.63 17.44
N CYS A 365 -0.76 -4.45 17.76
CA CYS A 365 -0.81 -3.35 16.79
C CYS A 365 0.60 -2.88 16.48
N ARG A 366 1.50 -2.88 17.46
CA ARG A 366 2.93 -2.48 17.24
C ARG A 366 3.58 -3.48 16.30
N ASP A 367 3.34 -4.76 16.52
CA ASP A 367 3.87 -5.82 15.63
C ASP A 367 3.30 -5.65 14.23
N ILE A 368 2.04 -5.27 14.09
CA ILE A 368 1.37 -5.11 12.75
C ILE A 368 2.07 -3.97 12.04
N ILE A 369 2.34 -2.88 12.75
CA ILE A 369 2.94 -1.67 12.10
C ILE A 369 4.38 -2.01 11.73
N GLN A 370 5.11 -2.65 12.63
CA GLN A 370 6.52 -3.06 12.36
C GLN A 370 6.57 -3.90 11.09
N ARG A 371 5.74 -4.92 10.98
CA ARG A 371 5.79 -5.82 9.80
C ARG A 371 5.31 -5.08 8.56
N MET A 372 4.46 -4.06 8.70
CA MET A 372 4.02 -3.27 7.53
C MET A 372 5.25 -2.54 7.01
N HIS A 373 6.03 -1.95 7.92
CA HIS A 373 7.20 -1.10 7.56
C HIS A 373 8.19 -1.98 6.85
N LEU A 374 8.50 -3.11 7.45
CA LEU A 374 9.58 -3.94 6.92
C LEU A 374 9.14 -5.01 5.94
N ARG A 375 7.97 -4.84 5.31
CA ARG A 375 7.66 -5.47 4.00
C ARG A 375 7.87 -4.47 2.89
N GLN A 376 7.82 -3.16 3.14
CA GLN A 376 8.14 -2.17 2.08
C GLN A 376 9.63 -2.26 1.75
N TYR A 377 10.45 -2.68 2.72
CA TYR A 377 11.89 -2.94 2.54
C TYR A 377 12.12 -4.32 1.96
N GLU A 378 11.09 -5.12 1.79
CA GLU A 378 11.20 -6.52 1.29
C GLU A 378 12.09 -7.32 2.25
N LEU A 379 12.06 -7.06 3.56
CA LEU A 379 12.85 -7.87 4.51
C LEU A 379 12.04 -9.07 4.99
N LEU A 380 10.73 -8.91 5.20
CA LEU A 380 9.78 -9.99 5.58
C LEU A 380 8.70 -10.13 4.49
N SER B 13 -53.06 -23.72 4.61
CA SER B 13 -53.62 -24.16 3.28
C SER B 13 -53.76 -22.95 2.33
N GLU B 14 -54.32 -21.83 2.81
CA GLU B 14 -54.41 -20.57 2.02
C GLU B 14 -53.01 -20.02 1.74
N LEU B 15 -52.08 -20.13 2.69
CA LEU B 15 -50.67 -19.69 2.48
C LEU B 15 -50.01 -20.56 1.38
N ASP B 16 -50.28 -21.87 1.37
CA ASP B 16 -49.71 -22.81 0.36
C ASP B 16 -50.19 -22.44 -1.06
N GLN B 17 -51.48 -22.14 -1.23
CA GLN B 17 -52.08 -21.81 -2.56
C GLN B 17 -51.71 -20.37 -2.96
N LEU B 18 -51.36 -19.50 -2.00
CA LEU B 18 -51.06 -18.08 -2.34
C LEU B 18 -49.71 -17.99 -3.05
N ARG B 19 -48.69 -18.69 -2.55
CA ARG B 19 -47.32 -18.69 -3.16
C ARG B 19 -47.38 -19.21 -4.60
N GLN B 20 -48.11 -20.31 -4.86
CA GLN B 20 -48.26 -20.86 -6.24
C GLN B 20 -49.11 -19.90 -7.08
N GLU B 21 -50.13 -19.25 -6.49
CA GLU B 21 -50.92 -18.18 -7.19
C GLU B 21 -50.00 -17.00 -7.51
N ALA B 22 -49.08 -16.66 -6.61
CA ALA B 22 -48.08 -15.58 -6.85
C ALA B 22 -47.16 -16.00 -8.00
N GLU B 23 -46.74 -17.26 -8.03
CA GLU B 23 -45.93 -17.81 -9.16
C GLU B 23 -46.78 -17.79 -10.45
N GLN B 24 -48.10 -17.99 -10.34
CA GLN B 24 -49.04 -17.90 -11.50
C GLN B 24 -49.02 -16.48 -12.07
N LEU B 25 -49.03 -15.46 -11.20
CA LEU B 25 -49.08 -14.03 -11.64
C LEU B 25 -47.83 -13.69 -12.44
N LYS B 26 -46.65 -14.06 -11.94
CA LYS B 26 -45.37 -13.76 -12.64
C LYS B 26 -45.29 -14.54 -13.97
N ASN B 27 -46.02 -15.65 -14.12
CA ASN B 27 -46.10 -16.39 -15.41
C ASN B 27 -46.73 -15.48 -16.48
N GLN B 28 -47.78 -14.72 -16.10
CA GLN B 28 -48.39 -13.69 -16.98
C GLN B 28 -47.38 -12.57 -17.26
N ILE B 29 -46.63 -12.15 -16.24
CA ILE B 29 -45.63 -11.05 -16.39
C ILE B 29 -44.60 -11.44 -17.46
N ARG B 30 -44.08 -12.67 -17.39
CA ARG B 30 -43.06 -13.17 -18.35
C ARG B 30 -43.66 -13.24 -19.76
N ASP B 31 -44.94 -13.66 -19.86
CA ASP B 31 -45.69 -13.68 -21.14
C ASP B 31 -45.86 -12.24 -21.65
N ALA B 32 -46.24 -11.29 -20.77
CA ALA B 32 -46.50 -9.88 -21.15
C ALA B 32 -45.20 -9.23 -21.61
N ARG B 33 -44.09 -9.48 -20.90
CA ARG B 33 -42.78 -8.86 -21.22
C ARG B 33 -42.29 -9.38 -22.57
N LYS B 34 -42.44 -10.67 -22.85
CA LYS B 34 -42.02 -11.23 -24.16
C LYS B 34 -43.03 -10.93 -25.26
N ALA B 35 -44.27 -10.57 -24.92
CA ALA B 35 -45.28 -10.13 -25.91
C ALA B 35 -44.84 -8.80 -26.55
N CYS B 36 -44.15 -7.95 -25.80
CA CYS B 36 -43.73 -6.61 -26.27
C CYS B 36 -42.28 -6.62 -26.80
N ALA B 37 -41.55 -7.74 -26.77
CA ALA B 37 -40.13 -7.77 -27.22
C ALA B 37 -40.05 -8.11 -28.72
N ASP B 38 -40.66 -7.26 -29.56
CA ASP B 38 -40.68 -7.45 -31.03
C ASP B 38 -39.30 -7.17 -31.66
N ALA B 39 -38.40 -6.45 -30.97
CA ALA B 39 -37.05 -6.08 -31.48
C ALA B 39 -36.04 -5.98 -30.33
N THR B 40 -34.82 -5.54 -30.64
CA THR B 40 -33.75 -5.32 -29.63
C THR B 40 -33.13 -3.94 -29.85
N LEU B 41 -32.70 -3.26 -28.78
CA LEU B 41 -31.99 -1.96 -28.91
C LEU B 41 -30.71 -2.17 -29.71
N SER B 42 -30.09 -3.34 -29.56
CA SER B 42 -28.93 -3.78 -30.40
C SER B 42 -29.34 -4.00 -31.86
N GLN B 43 -30.61 -4.08 -32.18
CA GLN B 43 -31.10 -4.32 -33.57
C GLN B 43 -31.48 -3.00 -34.24
N ILE B 44 -32.10 -2.07 -33.49
CA ILE B 44 -32.62 -0.79 -34.04
C ILE B 44 -31.46 0.19 -34.24
N THR B 45 -30.47 0.15 -33.36
CA THR B 45 -29.29 1.04 -33.41
C THR B 45 -28.15 0.35 -34.16
N ASN B 46 -28.43 -0.59 -35.06
CA ASN B 46 -27.37 -1.27 -35.85
C ASN B 46 -26.70 -0.27 -36.82
N ASN B 47 -27.51 0.60 -37.43
CA ASN B 47 -27.04 1.56 -38.46
C ASN B 47 -26.66 2.90 -37.82
N ILE B 48 -26.69 3.02 -36.50
CA ILE B 48 -26.20 4.25 -35.80
C ILE B 48 -24.69 4.34 -35.95
N ASP B 49 -24.18 5.51 -36.35
CA ASP B 49 -22.72 5.69 -36.51
C ASP B 49 -22.08 5.67 -35.14
N PRO B 50 -20.94 4.97 -34.95
CA PRO B 50 -20.25 4.91 -33.67
C PRO B 50 -19.85 6.27 -33.13
N VAL B 51 -19.77 6.40 -31.81
CA VAL B 51 -19.35 7.68 -31.17
C VAL B 51 -17.84 7.84 -31.36
N GLY B 52 -17.12 6.75 -31.65
CA GLY B 52 -15.67 6.77 -31.87
C GLY B 52 -14.94 6.76 -30.54
N ARG B 53 -13.61 6.70 -30.57
CA ARG B 53 -12.81 6.65 -29.34
C ARG B 53 -12.91 7.99 -28.66
N ILE B 54 -13.25 7.98 -27.37
CA ILE B 54 -13.46 9.21 -26.54
C ILE B 54 -12.21 9.36 -25.69
N GLN B 55 -11.44 10.41 -25.97
CA GLN B 55 -10.20 10.69 -25.21
C GLN B 55 -10.59 11.67 -24.13
N MET B 56 -10.40 11.29 -22.88
CA MET B 56 -10.69 12.21 -21.76
C MET B 56 -9.42 12.36 -20.92
N ARG B 57 -9.08 13.59 -20.54
CA ARG B 57 -7.86 13.85 -19.74
C ARG B 57 -8.24 14.43 -18.37
N THR B 58 -7.51 14.08 -17.34
CA THR B 58 -7.75 14.61 -15.99
C THR B 58 -7.49 16.11 -15.94
N ARG B 59 -8.51 16.92 -16.07
CA ARG B 59 -8.36 18.39 -16.03
C ARG B 59 -7.93 18.85 -14.65
N ARG B 60 -8.60 18.44 -13.59
CA ARG B 60 -8.24 18.83 -12.19
C ARG B 60 -8.17 17.60 -11.30
N THR B 61 -7.36 17.64 -10.29
CA THR B 61 -7.30 16.61 -9.25
C THR B 61 -7.42 17.36 -7.94
N LEU B 62 -8.37 16.94 -7.13
CA LEU B 62 -8.78 17.71 -5.94
C LEU B 62 -8.23 16.92 -4.74
N ARG B 63 -7.21 17.49 -4.08
CA ARG B 63 -6.50 16.82 -2.97
C ARG B 63 -6.80 17.53 -1.64
N GLY B 64 -6.77 16.82 -0.52
CA GLY B 64 -7.31 17.37 0.74
C GLY B 64 -7.86 16.31 1.67
N HIS B 65 -8.31 15.19 1.13
CA HIS B 65 -9.01 14.13 1.90
C HIS B 65 -7.96 13.17 2.45
N LEU B 66 -8.03 12.89 3.74
CA LEU B 66 -7.05 12.01 4.44
C LEU B 66 -7.34 10.56 4.12
N ALA B 67 -8.61 10.19 4.03
CA ALA B 67 -9.01 8.78 3.86
C ALA B 67 -9.78 8.60 2.54
N LYS B 68 -10.32 7.39 2.33
CA LYS B 68 -11.13 7.02 1.15
C LYS B 68 -12.23 8.06 0.92
N ILE B 69 -12.32 8.52 -0.30
CA ILE B 69 -13.44 9.37 -0.70
C ILE B 69 -14.51 8.38 -1.09
N TYR B 70 -15.62 8.41 -0.38
CA TYR B 70 -16.61 7.32 -0.44
C TYR B 70 -17.88 7.75 -1.10
N ALA B 71 -18.05 9.03 -1.44
CA ALA B 71 -19.21 9.56 -2.18
C ALA B 71 -18.91 11.00 -2.59
N MET B 72 -19.80 11.66 -3.29
CA MET B 72 -19.51 12.90 -4.04
C MET B 72 -20.80 13.36 -4.68
N HIS B 73 -21.03 14.63 -4.81
CA HIS B 73 -22.24 15.11 -5.52
C HIS B 73 -22.00 16.48 -6.07
N TRP B 74 -22.35 16.71 -7.33
CA TRP B 74 -22.21 18.05 -7.93
C TRP B 74 -23.38 18.94 -7.49
N GLY B 75 -23.22 20.23 -7.68
CA GLY B 75 -24.29 21.21 -7.54
C GLY B 75 -24.99 21.48 -8.87
N THR B 76 -26.16 22.06 -8.76
CA THR B 76 -26.97 22.48 -9.92
C THR B 76 -26.20 23.56 -10.67
N ASP B 77 -25.42 24.39 -9.97
CA ASP B 77 -24.62 25.49 -10.55
C ASP B 77 -23.51 24.96 -11.45
N SER B 78 -23.20 23.66 -11.39
CA SER B 78 -22.23 22.97 -12.28
C SER B 78 -20.79 23.33 -11.91
N ARG B 79 -20.54 23.94 -10.76
CA ARG B 79 -19.19 24.45 -10.39
C ARG B 79 -18.75 23.83 -9.09
N LEU B 80 -19.59 23.88 -8.05
CA LEU B 80 -19.26 23.32 -6.72
C LEU B 80 -19.50 21.80 -6.68
N LEU B 81 -18.66 21.11 -5.93
CA LEU B 81 -18.83 19.69 -5.57
C LEU B 81 -18.98 19.58 -4.07
N VAL B 82 -19.27 18.37 -3.64
CA VAL B 82 -19.15 17.94 -2.23
C VAL B 82 -18.44 16.63 -2.26
N SER B 83 -17.72 16.32 -1.24
CA SER B 83 -17.07 15.01 -1.17
C SER B 83 -17.20 14.57 0.26
N ALA B 84 -17.43 13.29 0.50
CA ALA B 84 -17.39 12.68 1.84
C ALA B 84 -16.22 11.74 1.90
N SER B 85 -15.51 11.74 3.01
CA SER B 85 -14.45 10.73 3.21
C SER B 85 -14.69 10.05 4.55
N GLN B 86 -14.08 8.88 4.73
CA GLN B 86 -14.19 8.10 5.96
C GLN B 86 -13.34 8.72 7.08
N ASP B 87 -12.55 9.74 6.81
CA ASP B 87 -11.80 10.45 7.88
C ASP B 87 -12.71 11.35 8.70
N GLY B 88 -13.97 11.47 8.30
CA GLY B 88 -14.97 12.25 9.04
C GLY B 88 -15.04 13.65 8.52
N LYS B 89 -14.51 13.91 7.32
CA LYS B 89 -14.49 15.30 6.77
C LYS B 89 -15.47 15.33 5.64
N LEU B 90 -15.88 16.52 5.31
CA LEU B 90 -16.88 16.72 4.27
C LEU B 90 -16.63 18.05 3.60
N ILE B 91 -16.11 18.05 2.39
CA ILE B 91 -15.42 19.25 1.83
C ILE B 91 -16.24 19.72 0.65
N ILE B 92 -16.59 21.01 0.59
CA ILE B 92 -17.22 21.59 -0.62
C ILE B 92 -16.12 22.22 -1.46
N TRP B 93 -15.91 21.76 -2.70
CA TRP B 93 -14.81 22.24 -3.58
C TRP B 93 -15.35 23.30 -4.53
N ASP B 94 -14.44 23.95 -5.24
CA ASP B 94 -14.77 24.82 -6.38
C ASP B 94 -13.90 24.32 -7.53
N SER B 95 -14.41 23.37 -8.27
CA SER B 95 -13.69 22.63 -9.32
C SER B 95 -13.11 23.57 -10.38
N TYR B 96 -13.64 24.78 -10.57
CA TYR B 96 -13.05 25.79 -11.49
C TYR B 96 -11.67 26.25 -10.99
N THR B 97 -11.52 26.59 -9.71
CA THR B 97 -10.28 27.14 -9.14
C THR B 97 -9.74 26.22 -8.09
N THR B 98 -10.04 24.94 -8.18
CA THR B 98 -9.65 23.88 -7.21
C THR B 98 -9.44 24.38 -5.78
N ASN B 99 -10.37 25.17 -5.25
CA ASN B 99 -10.28 25.73 -3.89
C ASN B 99 -11.27 25.02 -3.01
N LYS B 100 -10.93 24.89 -1.72
CA LYS B 100 -11.89 24.37 -0.73
C LYS B 100 -12.77 25.47 -0.18
N VAL B 101 -14.02 25.52 -0.61
CA VAL B 101 -15.01 26.51 -0.11
C VAL B 101 -15.40 26.23 1.36
N HIS B 102 -15.60 24.97 1.77
CA HIS B 102 -15.86 24.58 3.18
C HIS B 102 -15.22 23.23 3.49
N ALA B 103 -15.19 22.83 4.74
CA ALA B 103 -14.69 21.51 5.14
C ALA B 103 -15.37 21.19 6.45
N ILE B 104 -16.49 20.50 6.34
CA ILE B 104 -17.45 20.26 7.43
C ILE B 104 -16.92 19.07 8.19
N PRO B 105 -16.65 19.20 9.51
CA PRO B 105 -16.23 18.06 10.32
C PRO B 105 -17.46 17.31 10.83
N LEU B 106 -17.58 16.05 10.45
CA LEU B 106 -18.75 15.20 10.76
C LEU B 106 -18.59 14.62 12.15
N ARG B 107 -19.69 14.30 12.84
CA ARG B 107 -19.62 13.66 14.19
C ARG B 107 -19.10 12.21 14.05
N SER B 108 -19.69 11.46 13.14
CA SER B 108 -19.32 10.05 12.88
C SER B 108 -18.45 9.95 11.62
N SER B 109 -17.32 9.27 11.76
CA SER B 109 -16.24 9.19 10.76
C SER B 109 -16.81 8.48 9.54
N TRP B 110 -17.63 7.45 9.77
CA TRP B 110 -18.05 6.46 8.75
C TRP B 110 -19.29 6.99 8.03
N VAL B 111 -19.07 7.72 6.95
CA VAL B 111 -20.17 8.30 6.14
C VAL B 111 -20.11 7.65 4.79
N MET B 112 -21.24 7.16 4.32
CA MET B 112 -21.33 6.29 3.16
C MET B 112 -21.98 7.01 1.97
N THR B 113 -22.41 8.24 2.14
CA THR B 113 -23.10 9.03 1.10
C THR B 113 -23.05 10.51 1.42
N CYS B 114 -23.49 11.35 0.47
CA CYS B 114 -23.51 12.82 0.57
C CYS B 114 -24.34 13.35 -0.57
N ALA B 115 -24.99 14.49 -0.39
CA ALA B 115 -25.77 15.14 -1.45
C ALA B 115 -25.62 16.64 -1.34
N TYR B 116 -25.78 17.36 -2.44
CA TYR B 116 -25.75 18.84 -2.41
C TYR B 116 -27.13 19.25 -2.81
N ALA B 117 -27.76 20.12 -2.03
CA ALA B 117 -29.17 20.51 -2.25
C ALA B 117 -29.29 21.24 -3.57
N PRO B 118 -30.34 21.00 -4.36
CA PRO B 118 -30.43 21.58 -5.69
C PRO B 118 -30.50 23.11 -5.64
N SER B 119 -31.05 23.68 -4.56
CA SER B 119 -31.01 25.13 -4.25
C SER B 119 -29.60 25.56 -3.81
N GLY B 120 -28.77 24.63 -3.35
CA GLY B 120 -27.35 24.87 -3.03
C GLY B 120 -27.18 25.35 -1.62
N ASN B 121 -28.29 25.57 -0.91
CA ASN B 121 -28.29 26.05 0.49
C ASN B 121 -27.77 24.98 1.44
N TYR B 122 -28.10 23.70 1.23
CA TYR B 122 -27.84 22.63 2.21
C TYR B 122 -26.89 21.57 1.68
N VAL B 123 -26.30 20.83 2.62
CA VAL B 123 -25.53 19.58 2.39
C VAL B 123 -26.03 18.56 3.39
N ALA B 124 -26.23 17.32 2.94
CA ALA B 124 -26.66 16.22 3.81
C ALA B 124 -25.69 15.07 3.61
N CYS B 125 -25.20 14.48 4.67
CA CYS B 125 -24.45 13.21 4.63
C CYS B 125 -24.98 12.28 5.71
N GLY B 126 -24.86 10.99 5.52
CA GLY B 126 -24.83 10.06 6.67
C GLY B 126 -24.32 8.71 6.27
N GLY B 127 -23.90 7.92 7.22
CA GLY B 127 -23.43 6.56 6.93
C GLY B 127 -23.80 5.57 8.03
N LEU B 128 -22.80 4.84 8.58
CA LEU B 128 -23.04 3.75 9.56
C LEU B 128 -23.70 4.22 10.86
N ASP B 129 -23.82 5.51 11.18
CA ASP B 129 -24.62 5.95 12.35
C ASP B 129 -26.15 5.95 12.08
N ASN B 130 -26.61 5.40 10.96
CA ASN B 130 -28.04 5.26 10.62
C ASN B 130 -28.80 6.60 10.54
N ILE B 131 -28.12 7.75 10.57
CA ILE B 131 -28.80 9.08 10.56
C ILE B 131 -28.36 9.87 9.34
N CYS B 132 -29.24 10.73 8.85
CA CYS B 132 -28.97 11.72 7.79
C CYS B 132 -28.86 13.10 8.43
N SER B 133 -27.73 13.80 8.25
CA SER B 133 -27.45 15.09 8.93
C SER B 133 -27.49 16.21 7.90
N ILE B 134 -28.55 17.02 7.91
CA ILE B 134 -28.65 18.19 7.02
C ILE B 134 -27.71 19.25 7.59
N TYR B 135 -26.86 19.83 6.77
CA TYR B 135 -25.94 20.92 7.13
C TYR B 135 -26.33 22.16 6.34
N ASN B 136 -26.39 23.30 7.02
CA ASN B 136 -26.76 24.59 6.42
C ASN B 136 -25.48 25.33 6.09
N LEU B 137 -25.38 25.84 4.87
CA LEU B 137 -24.17 26.54 4.40
C LEU B 137 -24.31 28.04 4.68
N LYS B 138 -25.45 28.64 4.36
CA LYS B 138 -25.70 30.09 4.53
C LYS B 138 -26.19 30.34 5.94
N THR B 139 -25.27 30.37 6.90
CA THR B 139 -25.59 30.53 8.34
C THR B 139 -25.53 32.01 8.74
N ARG B 140 -25.71 32.29 10.03
CA ARG B 140 -25.72 33.66 10.60
C ARG B 140 -24.28 34.15 10.73
N GLU B 141 -23.48 33.44 11.52
CA GLU B 141 -22.05 33.76 11.79
C GLU B 141 -21.25 33.71 10.47
N GLY B 142 -21.49 32.68 9.63
CA GLY B 142 -20.66 32.36 8.45
C GLY B 142 -20.05 30.96 8.50
N ASN B 143 -20.27 30.20 9.58
CA ASN B 143 -19.81 28.79 9.73
C ASN B 143 -20.84 27.84 9.09
N VAL B 144 -20.72 26.54 9.37
CA VAL B 144 -21.74 25.51 8.99
C VAL B 144 -22.23 24.83 10.26
N ARG B 145 -23.55 24.78 10.44
CA ARG B 145 -24.20 24.18 11.62
C ARG B 145 -25.08 23.04 11.14
N VAL B 146 -25.18 21.98 11.95
CA VAL B 146 -26.06 20.83 11.62
C VAL B 146 -27.51 21.30 11.75
N SER B 147 -28.17 21.55 10.61
CA SER B 147 -29.60 21.95 10.52
C SER B 147 -30.49 20.93 11.24
N ARG B 148 -30.41 19.65 10.89
CA ARG B 148 -31.20 18.59 11.52
C ARG B 148 -30.43 17.29 11.55
N GLU B 149 -30.77 16.39 12.46
CA GLU B 149 -30.46 14.95 12.42
C GLU B 149 -31.78 14.24 12.09
N LEU B 150 -31.81 13.47 11.01
CA LEU B 150 -32.96 12.62 10.62
C LEU B 150 -32.73 11.17 11.12
N ALA B 151 -33.23 10.90 12.33
CA ALA B 151 -33.16 9.60 13.01
C ALA B 151 -34.47 8.84 12.84
N GLY B 152 -34.37 7.51 12.78
CA GLY B 152 -35.51 6.62 12.50
C GLY B 152 -35.18 5.44 11.61
N HIS B 153 -34.04 5.45 10.93
CA HIS B 153 -33.59 4.26 10.16
C HIS B 153 -32.87 3.28 11.09
N THR B 154 -33.02 2.00 10.79
CA THR B 154 -32.54 0.90 11.64
C THR B 154 -31.30 0.26 11.04
N GLY B 155 -30.68 0.87 10.03
CA GLY B 155 -29.51 0.33 9.34
C GLY B 155 -28.69 1.44 8.77
N TYR B 156 -27.50 1.13 8.27
CA TYR B 156 -26.61 2.15 7.67
C TYR B 156 -27.34 2.83 6.51
N LEU B 157 -27.17 4.14 6.43
CA LEU B 157 -27.79 4.99 5.41
C LEU B 157 -26.87 4.97 4.18
N SER B 158 -27.32 4.42 3.05
CA SER B 158 -26.47 4.19 1.85
C SER B 158 -26.52 5.29 0.82
N CYS B 159 -27.58 6.07 0.76
CA CYS B 159 -27.71 7.16 -0.24
C CYS B 159 -28.91 8.01 0.13
N CYS B 160 -28.71 9.32 0.16
CA CYS B 160 -29.77 10.31 0.42
C CYS B 160 -29.72 11.33 -0.70
N ARG B 161 -30.79 11.49 -1.46
CA ARG B 161 -30.87 12.53 -2.50
C ARG B 161 -32.00 13.51 -2.22
N PHE B 162 -31.76 14.79 -2.39
CA PHE B 162 -32.68 15.91 -2.04
C PHE B 162 -33.70 16.09 -3.15
N LEU B 163 -34.90 16.49 -2.76
CA LEU B 163 -35.95 16.94 -3.72
C LEU B 163 -36.02 18.47 -3.71
N ASP B 164 -36.22 19.05 -2.53
CA ASP B 164 -36.30 20.52 -2.31
C ASP B 164 -35.45 20.82 -1.07
N ASP B 165 -35.58 22.00 -0.50
CA ASP B 165 -34.90 22.32 0.78
C ASP B 165 -35.55 21.56 1.94
N ASN B 166 -36.77 21.05 1.75
CA ASN B 166 -37.65 20.57 2.83
C ASN B 166 -37.94 19.08 2.73
N GLN B 167 -37.63 18.42 1.62
CA GLN B 167 -37.83 16.97 1.45
C GLN B 167 -36.51 16.31 1.11
N ILE B 168 -36.30 15.08 1.59
CA ILE B 168 -35.16 14.25 1.15
C ILE B 168 -35.54 12.77 1.16
N VAL B 169 -35.13 12.04 0.11
CA VAL B 169 -35.31 10.57 0.07
C VAL B 169 -34.01 9.90 0.46
N THR B 170 -34.08 8.92 1.33
CA THR B 170 -32.89 8.26 1.88
C THR B 170 -33.05 6.76 1.63
N SER B 171 -32.02 6.12 1.15
CA SER B 171 -31.85 4.66 1.11
C SER B 171 -31.35 4.21 2.48
N SER B 172 -31.38 2.91 2.70
CA SER B 172 -30.85 2.34 3.97
C SER B 172 -30.41 0.89 3.79
N GLY B 173 -29.62 0.39 4.74
CA GLY B 173 -29.23 -1.02 4.81
C GLY B 173 -30.32 -1.88 5.44
N ASP B 174 -31.43 -1.30 5.89
CA ASP B 174 -32.58 -2.05 6.43
C ASP B 174 -33.70 -2.25 5.40
N THR B 175 -33.36 -2.43 4.12
CA THR B 175 -34.26 -2.85 3.03
C THR B 175 -35.36 -1.79 2.86
N THR B 176 -35.11 -0.55 3.24
CA THR B 176 -36.18 0.47 3.30
C THR B 176 -35.64 1.82 2.84
N CYS B 177 -36.30 2.42 1.86
CA CYS B 177 -36.16 3.87 1.56
C CYS B 177 -37.23 4.65 2.34
N ALA B 178 -36.99 5.94 2.53
CA ALA B 178 -37.91 6.82 3.28
C ALA B 178 -37.81 8.24 2.74
N LEU B 179 -38.94 8.94 2.78
CA LEU B 179 -39.02 10.37 2.45
C LEU B 179 -39.23 11.14 3.75
N TRP B 180 -38.39 12.12 4.01
CA TRP B 180 -38.39 12.87 5.28
C TRP B 180 -38.92 14.26 5.04
N ASP B 181 -39.38 14.89 6.11
CA ASP B 181 -39.69 16.34 6.16
C ASP B 181 -38.63 17.00 7.06
N ILE B 182 -37.77 17.81 6.48
CA ILE B 182 -36.57 18.29 7.21
C ILE B 182 -36.99 19.26 8.32
N GLU B 183 -38.03 20.07 8.09
CA GLU B 183 -38.56 21.04 9.09
C GLU B 183 -38.92 20.30 10.39
N THR B 184 -39.60 19.15 10.27
CA THR B 184 -40.21 18.42 11.41
C THR B 184 -39.32 17.25 11.83
N GLY B 185 -38.66 16.61 10.87
CA GLY B 185 -37.61 15.60 11.11
C GLY B 185 -38.14 14.18 11.16
N GLN B 186 -39.41 13.94 10.83
CA GLN B 186 -39.96 12.56 10.81
C GLN B 186 -40.25 12.14 9.37
N GLN B 187 -40.18 10.84 9.14
CA GLN B 187 -40.42 10.21 7.82
C GLN B 187 -41.89 10.46 7.48
N THR B 188 -42.14 11.03 6.31
CA THR B 188 -43.49 11.32 5.81
C THR B 188 -44.01 10.07 5.09
N THR B 189 -43.16 9.43 4.29
CA THR B 189 -43.50 8.20 3.53
C THR B 189 -42.36 7.21 3.69
N THR B 190 -42.69 5.94 3.87
CA THR B 190 -41.70 4.86 4.01
C THR B 190 -41.91 3.87 2.86
N PHE B 191 -40.86 3.59 2.12
CA PHE B 191 -40.91 2.69 0.93
C PHE B 191 -40.36 1.33 1.33
N THR B 192 -41.23 0.32 1.28
CA THR B 192 -40.90 -1.05 1.69
C THR B 192 -41.25 -1.99 0.55
N GLY B 193 -40.45 -3.03 0.40
CA GLY B 193 -40.56 -3.91 -0.78
C GLY B 193 -39.28 -4.65 -1.04
N HIS B 194 -38.15 -4.00 -0.82
CA HIS B 194 -36.83 -4.62 -1.09
C HIS B 194 -36.54 -5.74 -0.08
N THR B 195 -35.76 -6.70 -0.51
CA THR B 195 -35.45 -7.91 0.27
C THR B 195 -34.11 -7.74 1.00
N GLY B 196 -33.11 -7.16 0.36
CA GLY B 196 -31.77 -6.91 0.93
C GLY B 196 -31.46 -5.44 1.06
N ASP B 197 -30.21 -5.11 1.37
CA ASP B 197 -29.79 -3.70 1.64
C ASP B 197 -30.00 -2.83 0.41
N VAL B 198 -30.60 -1.68 0.55
CA VAL B 198 -30.78 -0.74 -0.60
C VAL B 198 -29.47 0.04 -0.77
N MET B 199 -28.95 0.10 -1.98
CA MET B 199 -27.58 0.58 -2.22
C MET B 199 -27.56 1.92 -2.92
N SER B 200 -28.59 2.27 -3.70
CA SER B 200 -28.59 3.51 -4.49
C SER B 200 -29.99 3.99 -4.80
N LEU B 201 -30.13 5.25 -5.20
CA LEU B 201 -31.38 5.86 -5.71
C LEU B 201 -31.06 6.55 -7.02
N SER B 202 -32.08 7.07 -7.68
CA SER B 202 -31.92 8.23 -8.57
C SER B 202 -33.31 8.85 -8.75
N LEU B 203 -33.47 10.09 -8.36
CA LEU B 203 -34.69 10.89 -8.64
C LEU B 203 -34.92 10.98 -10.15
N ALA B 204 -36.16 11.22 -10.52
CA ALA B 204 -36.57 11.54 -11.91
C ALA B 204 -36.14 12.96 -12.23
N PRO B 205 -35.84 13.26 -13.51
CA PRO B 205 -35.78 14.66 -13.98
C PRO B 205 -36.96 15.54 -13.57
N ASP B 206 -38.18 15.01 -13.61
CA ASP B 206 -39.41 15.73 -13.16
C ASP B 206 -39.64 15.58 -11.65
N THR B 207 -38.89 14.74 -10.94
CA THR B 207 -38.94 14.61 -9.45
C THR B 207 -40.37 14.20 -9.05
N ARG B 208 -40.84 13.08 -9.60
CA ARG B 208 -42.12 12.43 -9.21
C ARG B 208 -41.88 10.94 -8.97
N LEU B 209 -40.97 10.30 -9.71
CA LEU B 209 -40.55 8.91 -9.43
C LEU B 209 -39.09 8.84 -9.01
N PHE B 210 -38.71 7.74 -8.36
CA PHE B 210 -37.29 7.39 -8.15
C PHE B 210 -37.10 5.89 -8.07
N VAL B 211 -35.93 5.41 -8.53
CA VAL B 211 -35.59 3.97 -8.50
C VAL B 211 -34.64 3.66 -7.37
N SER B 212 -34.46 2.39 -7.07
CA SER B 212 -33.65 1.99 -5.91
C SER B 212 -33.13 0.61 -6.15
N GLY B 213 -31.86 0.48 -6.39
CA GLY B 213 -31.25 -0.85 -6.54
C GLY B 213 -30.79 -1.37 -5.21
N ALA B 214 -31.21 -2.56 -4.85
CA ALA B 214 -30.84 -3.16 -3.56
C ALA B 214 -29.93 -4.34 -3.80
N CYS B 215 -29.46 -4.91 -2.70
CA CYS B 215 -28.64 -6.13 -2.64
C CYS B 215 -29.59 -7.29 -2.69
N ASP B 216 -30.48 -7.35 -3.67
CA ASP B 216 -31.26 -8.57 -4.00
C ASP B 216 -31.41 -8.72 -5.53
N ALA B 217 -30.47 -8.18 -6.30
CA ALA B 217 -30.47 -8.18 -7.78
C ALA B 217 -31.77 -7.64 -8.35
N SER B 218 -32.34 -6.61 -7.76
CA SER B 218 -33.69 -6.15 -8.17
C SER B 218 -33.82 -4.69 -7.89
N ALA B 219 -34.16 -3.89 -8.91
CA ALA B 219 -34.39 -2.45 -8.79
C ALA B 219 -35.88 -2.19 -8.93
N LYS B 220 -36.41 -1.37 -8.02
CA LYS B 220 -37.83 -1.00 -8.02
C LYS B 220 -38.00 0.47 -8.42
N LEU B 221 -39.12 0.80 -9.02
CA LEU B 221 -39.55 2.19 -9.31
C LEU B 221 -40.63 2.58 -8.31
N TRP B 222 -40.47 3.73 -7.68
CA TRP B 222 -41.36 4.22 -6.60
C TRP B 222 -42.06 5.50 -7.02
N ASP B 223 -43.28 5.68 -6.56
CA ASP B 223 -44.07 6.91 -6.74
C ASP B 223 -44.03 7.67 -5.41
N VAL B 224 -43.49 8.88 -5.42
CA VAL B 224 -43.10 9.55 -4.16
C VAL B 224 -44.38 10.00 -3.48
N ARG B 225 -45.32 10.55 -4.26
CA ARG B 225 -46.61 11.00 -3.69
C ARG B 225 -47.39 9.78 -3.19
N GLU B 226 -47.58 8.79 -4.04
CA GLU B 226 -48.43 7.61 -3.72
C GLU B 226 -47.77 6.79 -2.60
N GLY B 227 -46.46 6.65 -2.63
CA GLY B 227 -45.70 5.94 -1.58
C GLY B 227 -45.72 4.43 -1.76
N MET B 228 -45.88 3.95 -3.00
CA MET B 228 -45.99 2.50 -3.31
C MET B 228 -45.10 2.16 -4.50
N CYS B 229 -44.63 0.91 -4.57
CA CYS B 229 -43.76 0.43 -5.66
C CYS B 229 -44.62 0.28 -6.93
N ARG B 230 -44.25 0.96 -8.01
CA ARG B 230 -44.94 0.87 -9.31
C ARG B 230 -44.48 -0.41 -10.03
N GLN B 231 -43.20 -0.48 -10.41
CA GLN B 231 -42.65 -1.62 -11.19
C GLN B 231 -41.35 -2.10 -10.56
N THR B 232 -41.09 -3.40 -10.62
CA THR B 232 -39.82 -3.99 -10.16
C THR B 232 -39.14 -4.61 -11.36
N PHE B 233 -37.83 -4.39 -11.46
CA PHE B 233 -37.02 -4.82 -12.61
C PHE B 233 -35.95 -5.75 -12.06
N THR B 234 -35.92 -6.95 -12.63
CA THR B 234 -34.87 -7.96 -12.39
C THR B 234 -34.18 -8.23 -13.73
N GLY B 235 -33.06 -8.94 -13.65
CA GLY B 235 -32.19 -9.15 -14.81
C GLY B 235 -30.75 -9.30 -14.40
N HIS B 236 -30.38 -8.60 -13.34
CA HIS B 236 -29.03 -8.76 -12.73
C HIS B 236 -28.94 -10.08 -11.96
N GLU B 237 -27.72 -10.47 -11.68
CA GLU B 237 -27.42 -11.75 -11.01
C GLU B 237 -26.91 -11.53 -9.61
N SER B 238 -26.41 -10.35 -9.29
CA SER B 238 -25.85 -10.05 -7.95
C SER B 238 -26.33 -8.70 -7.46
N ASP B 239 -25.81 -8.28 -6.33
CA ASP B 239 -26.07 -6.97 -5.70
C ASP B 239 -25.94 -5.84 -6.73
N ILE B 240 -26.96 -4.97 -6.79
CA ILE B 240 -26.96 -3.73 -7.60
C ILE B 240 -26.37 -2.59 -6.77
N ASN B 241 -25.30 -1.99 -7.28
CA ASN B 241 -24.51 -1.04 -6.48
C ASN B 241 -24.74 0.38 -6.95
N ALA B 242 -25.08 0.58 -8.20
CA ALA B 242 -25.30 1.92 -8.72
C ALA B 242 -26.55 1.93 -9.56
N ILE B 243 -27.18 3.09 -9.66
CA ILE B 243 -28.32 3.26 -10.59
C ILE B 243 -28.48 4.71 -10.96
N CYS B 244 -28.83 4.99 -12.19
CA CYS B 244 -29.11 6.35 -12.67
C CYS B 244 -30.22 6.37 -13.69
N PHE B 245 -31.11 7.38 -13.63
CA PHE B 245 -32.02 7.60 -14.76
C PHE B 245 -31.30 8.10 -16.00
N PHE B 246 -31.80 7.62 -17.14
CA PHE B 246 -31.59 8.22 -18.47
C PHE B 246 -32.02 9.69 -18.42
N PRO B 247 -31.31 10.59 -19.10
CA PRO B 247 -31.64 12.01 -19.07
C PRO B 247 -33.07 12.41 -19.41
N ASN B 248 -33.83 11.61 -20.16
CA ASN B 248 -35.26 11.93 -20.41
C ASN B 248 -36.16 11.36 -19.30
N GLY B 249 -35.64 10.49 -18.42
CA GLY B 249 -36.42 9.86 -17.34
C GLY B 249 -37.35 8.75 -17.80
N ASN B 250 -37.16 8.20 -19.00
CA ASN B 250 -37.92 7.04 -19.50
C ASN B 250 -37.12 5.76 -19.36
N ALA B 251 -35.95 5.79 -18.74
CA ALA B 251 -35.07 4.61 -18.66
C ALA B 251 -34.05 4.81 -17.53
N PHE B 252 -33.38 3.75 -17.16
CA PHE B 252 -32.22 3.85 -16.25
C PHE B 252 -31.23 2.72 -16.48
N ALA B 253 -30.06 2.87 -15.89
CA ALA B 253 -28.96 1.92 -15.99
C ALA B 253 -28.48 1.54 -14.61
N THR B 254 -28.06 0.32 -14.45
CA THR B 254 -27.73 -0.28 -13.15
C THR B 254 -26.37 -0.92 -13.25
N GLY B 255 -25.51 -0.69 -12.29
CA GLY B 255 -24.34 -1.54 -12.15
C GLY B 255 -24.52 -2.60 -11.10
N SER B 256 -23.68 -3.62 -11.14
CA SER B 256 -23.76 -4.72 -10.15
C SER B 256 -22.43 -5.38 -9.89
N ASP B 257 -22.41 -6.26 -8.90
CA ASP B 257 -21.23 -7.11 -8.58
C ASP B 257 -21.00 -8.17 -9.63
N ASP B 258 -21.98 -8.47 -10.49
CA ASP B 258 -21.79 -9.42 -11.60
C ASP B 258 -21.16 -8.76 -12.81
N ALA B 259 -20.51 -7.61 -12.67
CA ALA B 259 -19.60 -7.06 -13.69
C ALA B 259 -20.38 -6.75 -14.97
N THR B 260 -21.63 -6.36 -14.87
CA THR B 260 -22.45 -5.97 -16.03
C THR B 260 -23.25 -4.73 -15.69
N CYS B 261 -23.54 -3.89 -16.67
CA CYS B 261 -24.49 -2.78 -16.56
C CYS B 261 -25.68 -3.07 -17.46
N ARG B 262 -26.88 -2.80 -17.00
CA ARG B 262 -28.10 -3.10 -17.77
C ARG B 262 -28.86 -1.80 -18.00
N LEU B 263 -29.37 -1.60 -19.19
CA LEU B 263 -30.33 -0.51 -19.51
C LEU B 263 -31.75 -1.06 -19.44
N PHE B 264 -32.60 -0.48 -18.63
CA PHE B 264 -34.03 -0.86 -18.49
C PHE B 264 -34.87 0.22 -19.16
N ASP B 265 -36.02 -0.18 -19.72
CA ASP B 265 -37.09 0.77 -20.12
C ASP B 265 -38.30 0.64 -19.21
N LEU B 266 -38.82 1.78 -18.72
CA LEU B 266 -39.92 1.78 -17.73
C LEU B 266 -41.21 1.44 -18.46
N ARG B 267 -41.42 1.98 -19.66
CA ARG B 267 -42.69 1.76 -20.40
C ARG B 267 -42.68 0.35 -20.99
N ALA B 268 -41.55 -0.12 -21.51
CA ALA B 268 -41.42 -1.51 -22.00
C ALA B 268 -41.34 -2.48 -20.81
N ASP B 269 -40.92 -2.02 -19.64
CA ASP B 269 -40.89 -2.78 -18.36
C ASP B 269 -40.06 -4.05 -18.51
N GLN B 270 -38.96 -3.99 -19.25
CA GLN B 270 -37.99 -5.11 -19.29
C GLN B 270 -36.60 -4.59 -19.60
N GLU B 271 -35.62 -5.46 -19.53
CA GLU B 271 -34.22 -5.14 -19.86
C GLU B 271 -34.17 -4.80 -21.34
N LEU B 272 -33.35 -3.82 -21.69
CA LEU B 272 -33.22 -3.27 -23.07
C LEU B 272 -31.84 -3.56 -23.63
N MET B 273 -30.80 -3.46 -22.83
CA MET B 273 -29.42 -3.77 -23.28
C MET B 273 -28.52 -4.07 -22.09
N THR B 274 -27.50 -4.90 -22.30
CA THR B 274 -26.48 -5.24 -21.29
C THR B 274 -25.11 -4.70 -21.76
N TYR B 275 -24.26 -4.36 -20.80
CA TYR B 275 -22.97 -3.69 -21.03
C TYR B 275 -21.90 -4.45 -20.29
N SER B 276 -21.36 -5.46 -20.93
CA SER B 276 -20.33 -6.36 -20.37
C SER B 276 -19.19 -6.52 -21.35
N HIS B 277 -18.02 -6.81 -20.81
CA HIS B 277 -16.83 -7.25 -21.58
C HIS B 277 -16.29 -8.55 -20.96
N ASP B 278 -15.90 -9.52 -21.78
CA ASP B 278 -15.37 -10.80 -21.25
C ASP B 278 -14.15 -10.54 -20.35
N ASN B 279 -13.39 -9.48 -20.65
CA ASN B 279 -12.18 -9.09 -19.86
C ASN B 279 -12.59 -8.57 -18.47
N ILE B 280 -13.86 -8.22 -18.27
CA ILE B 280 -14.34 -7.61 -17.00
C ILE B 280 -14.93 -8.74 -16.13
N ILE B 281 -14.32 -8.95 -14.96
CA ILE B 281 -14.84 -9.86 -13.91
C ILE B 281 -14.90 -9.09 -12.58
N CYS B 282 -14.88 -7.75 -12.62
CA CYS B 282 -14.98 -6.92 -11.40
C CYS B 282 -16.30 -6.16 -11.43
N GLY B 283 -16.89 -5.97 -10.25
CA GLY B 283 -18.21 -5.32 -10.13
C GLY B 283 -18.13 -3.84 -10.41
N ILE B 284 -19.27 -3.27 -10.82
CA ILE B 284 -19.45 -1.83 -11.05
C ILE B 284 -19.78 -1.14 -9.74
N THR B 285 -19.07 -0.05 -9.45
CA THR B 285 -19.32 0.70 -8.21
C THR B 285 -20.17 1.93 -8.47
N SER B 286 -20.11 2.50 -9.66
CA SER B 286 -20.79 3.77 -9.97
C SER B 286 -21.23 3.75 -11.41
N VAL B 287 -22.27 4.49 -11.71
CA VAL B 287 -22.83 4.59 -13.08
C VAL B 287 -23.34 6.00 -13.23
N SER B 288 -23.19 6.56 -14.41
CA SER B 288 -23.71 7.91 -14.71
C SER B 288 -23.90 8.03 -16.19
N PHE B 289 -24.64 9.03 -16.59
CA PHE B 289 -24.93 9.26 -18.03
C PHE B 289 -24.38 10.65 -18.37
N SER B 290 -23.93 10.81 -19.59
CA SER B 290 -23.67 12.13 -20.20
C SER B 290 -25.00 12.89 -20.35
N LYS B 291 -24.91 14.17 -20.70
CA LYS B 291 -26.09 15.04 -20.80
C LYS B 291 -27.03 14.48 -21.87
N SER B 292 -26.53 13.97 -22.98
CA SER B 292 -27.41 13.43 -24.06
C SER B 292 -27.85 11.99 -23.77
N GLY B 293 -27.18 11.31 -22.83
CA GLY B 293 -27.49 9.91 -22.53
C GLY B 293 -26.87 8.97 -23.53
N ARG B 294 -26.02 9.46 -24.43
CA ARG B 294 -25.41 8.60 -25.46
C ARG B 294 -24.26 7.85 -24.85
N LEU B 295 -23.60 8.40 -23.86
CA LEU B 295 -22.55 7.63 -23.16
C LEU B 295 -23.09 7.12 -21.82
N LEU B 296 -22.54 6.00 -21.35
CA LEU B 296 -22.80 5.49 -19.99
C LEU B 296 -21.46 5.31 -19.29
N LEU B 297 -21.09 6.26 -18.47
CA LEU B 297 -19.84 6.15 -17.68
C LEU B 297 -20.08 5.18 -16.55
N ALA B 298 -19.09 4.38 -16.19
CA ALA B 298 -19.24 3.37 -15.12
C ALA B 298 -17.91 3.13 -14.44
N GLY B 299 -17.82 3.41 -13.16
CA GLY B 299 -16.69 3.02 -12.32
C GLY B 299 -16.61 1.51 -12.15
N TYR B 300 -15.41 0.98 -11.88
CA TYR B 300 -15.21 -0.44 -11.60
C TYR B 300 -14.34 -0.61 -10.37
N ASP B 301 -14.21 -1.83 -9.88
CA ASP B 301 -13.24 -2.16 -8.80
C ASP B 301 -11.82 -2.28 -9.36
N ASP B 302 -11.64 -2.44 -10.68
CA ASP B 302 -10.29 -2.52 -11.30
C ASP B 302 -9.68 -1.12 -11.50
N PHE B 303 -10.21 -0.12 -10.81
CA PHE B 303 -9.66 1.25 -10.65
C PHE B 303 -9.91 2.07 -11.91
N ASN B 304 -10.59 1.55 -12.93
CA ASN B 304 -10.87 2.32 -14.16
C ASN B 304 -12.33 2.79 -14.16
N CYS B 305 -12.67 3.60 -15.15
CA CYS B 305 -14.05 3.96 -15.46
C CYS B 305 -14.28 3.81 -16.94
N ASN B 306 -14.69 2.64 -17.39
CA ASN B 306 -15.04 2.40 -18.80
C ASN B 306 -16.22 3.28 -19.25
N VAL B 307 -16.14 3.78 -20.46
CA VAL B 307 -17.18 4.62 -21.10
C VAL B 307 -17.84 3.78 -22.16
N TRP B 308 -19.16 3.69 -22.12
CA TRP B 308 -19.91 2.78 -23.00
C TRP B 308 -20.72 3.61 -23.96
N ASP B 309 -20.82 3.16 -25.18
CA ASP B 309 -21.88 3.65 -26.08
C ASP B 309 -23.22 3.08 -25.61
N ALA B 310 -24.03 3.91 -24.98
CA ALA B 310 -25.30 3.48 -24.38
C ALA B 310 -26.32 2.99 -25.43
N LEU B 311 -26.16 3.22 -26.72
CA LEU B 311 -27.08 2.64 -27.72
C LEU B 311 -26.42 1.53 -28.55
N LYS B 312 -25.15 1.17 -28.35
CA LYS B 312 -24.54 0.08 -29.14
C LYS B 312 -23.74 -0.91 -28.27
N ALA B 313 -23.69 -0.70 -26.96
CA ALA B 313 -22.98 -1.59 -26.01
C ALA B 313 -21.48 -1.67 -26.30
N ASP B 314 -20.90 -0.77 -27.06
CA ASP B 314 -19.47 -0.83 -27.48
C ASP B 314 -18.68 0.10 -26.58
N ARG B 315 -17.71 -0.41 -25.84
CA ARG B 315 -16.80 0.39 -24.98
C ARG B 315 -16.07 1.37 -25.88
N ALA B 316 -16.09 2.63 -25.51
CA ALA B 316 -15.68 3.76 -26.40
C ALA B 316 -14.78 4.68 -25.61
N GLY B 317 -13.82 4.12 -24.88
CA GLY B 317 -12.94 4.95 -24.05
C GLY B 317 -12.85 4.43 -22.65
N VAL B 318 -11.84 4.87 -21.95
CA VAL B 318 -11.52 4.39 -20.58
C VAL B 318 -10.95 5.57 -19.85
N LEU B 319 -11.46 5.83 -18.66
CA LEU B 319 -10.93 6.87 -17.76
C LEU B 319 -10.04 6.15 -16.75
N ALA B 320 -8.84 5.76 -17.16
CA ALA B 320 -7.81 5.25 -16.22
C ALA B 320 -7.15 6.43 -15.56
N GLY B 321 -6.67 6.28 -14.31
CA GLY B 321 -6.27 7.44 -13.50
C GLY B 321 -6.19 7.17 -12.03
N HIS B 322 -6.90 6.19 -11.52
CA HIS B 322 -7.10 6.05 -10.07
C HIS B 322 -6.23 4.90 -9.55
N ASP B 323 -5.69 5.10 -8.36
CA ASP B 323 -4.78 4.12 -7.70
C ASP B 323 -5.61 3.10 -6.91
N ASN B 324 -6.91 3.34 -6.69
CA ASN B 324 -7.77 2.42 -5.90
C ASN B 324 -9.14 2.41 -6.52
N ARG B 325 -10.08 1.64 -6.00
CA ARG B 325 -11.40 1.48 -6.68
C ARG B 325 -12.16 2.81 -6.77
N VAL B 326 -12.91 2.97 -7.83
CA VAL B 326 -13.62 4.24 -8.07
C VAL B 326 -14.95 4.18 -7.30
N SER B 327 -15.04 4.92 -6.21
CA SER B 327 -16.19 4.91 -5.30
C SER B 327 -17.35 5.59 -5.96
N CYS B 328 -17.09 6.78 -6.47
CA CYS B 328 -18.17 7.70 -6.89
C CYS B 328 -17.80 8.23 -8.24
N LEU B 329 -18.78 8.66 -8.97
CA LEU B 329 -18.67 9.20 -10.33
C LEU B 329 -19.80 10.17 -10.44
N GLY B 330 -19.71 11.13 -11.30
CA GLY B 330 -20.79 12.11 -11.45
C GLY B 330 -20.55 12.98 -12.66
N VAL B 331 -21.48 13.03 -13.57
CA VAL B 331 -21.44 14.00 -14.65
C VAL B 331 -22.12 15.27 -14.15
N THR B 332 -21.56 16.39 -14.53
CA THR B 332 -22.10 17.72 -14.24
C THR B 332 -23.38 17.98 -15.03
N ASP B 333 -24.30 18.77 -14.46
CA ASP B 333 -25.64 19.04 -15.04
C ASP B 333 -25.52 19.71 -16.40
N ASP B 334 -24.56 20.61 -16.60
CA ASP B 334 -24.32 21.19 -17.94
C ASP B 334 -23.64 20.18 -18.88
N GLY B 335 -23.00 19.15 -18.32
CA GLY B 335 -22.42 18.06 -19.10
C GLY B 335 -20.99 18.35 -19.50
N MET B 336 -20.33 19.34 -18.89
CA MET B 336 -18.98 19.73 -19.32
C MET B 336 -17.90 19.06 -18.47
N ALA B 337 -18.26 18.14 -17.60
CA ALA B 337 -17.24 17.40 -16.83
C ALA B 337 -17.81 16.16 -16.20
N VAL B 338 -16.92 15.34 -15.70
CA VAL B 338 -17.22 14.15 -14.85
C VAL B 338 -16.22 14.10 -13.72
N ALA B 339 -16.65 13.88 -12.51
CA ALA B 339 -15.79 13.77 -11.32
C ALA B 339 -15.78 12.35 -10.85
N THR B 340 -14.65 11.84 -10.40
CA THR B 340 -14.50 10.42 -10.05
C THR B 340 -13.68 10.39 -8.79
N GLY B 341 -14.31 10.09 -7.68
CA GLY B 341 -13.64 9.84 -6.39
C GLY B 341 -13.10 8.46 -6.37
N SER B 342 -12.29 8.19 -5.37
CA SER B 342 -11.72 6.84 -5.23
C SER B 342 -11.24 6.60 -3.82
N TRP B 343 -10.89 5.35 -3.52
CA TRP B 343 -10.34 5.02 -2.20
C TRP B 343 -8.90 5.50 -2.04
N ASP B 344 -8.27 6.03 -3.10
CA ASP B 344 -6.95 6.68 -3.02
C ASP B 344 -7.05 8.15 -2.59
N SER B 345 -8.24 8.64 -2.30
CA SER B 345 -8.50 9.96 -1.67
C SER B 345 -8.33 11.06 -2.69
N PHE B 346 -8.61 10.85 -3.94
CA PHE B 346 -8.39 11.89 -4.96
C PHE B 346 -9.58 11.94 -5.87
N LEU B 347 -10.37 13.02 -5.80
CA LEU B 347 -11.28 13.36 -6.91
C LEU B 347 -10.46 13.78 -8.13
N LYS B 348 -10.99 13.54 -9.30
CA LYS B 348 -10.38 13.91 -10.58
C LYS B 348 -11.46 14.39 -11.50
N ILE B 349 -11.43 15.65 -11.89
CA ILE B 349 -12.32 16.16 -12.95
C ILE B 349 -11.78 15.76 -14.34
N TRP B 350 -12.61 15.20 -15.18
CA TRP B 350 -12.31 14.80 -16.57
C TRP B 350 -13.20 15.57 -17.50
N ASN B 351 -12.92 15.50 -18.80
CA ASN B 351 -13.53 16.40 -19.79
C ASN B 351 -13.09 16.02 -21.21
N THR C 6 -49.27 -18.05 10.62
CA THR C 6 -50.02 -16.74 10.38
C THR C 6 -49.06 -15.52 10.32
N ALA C 7 -47.79 -15.67 10.70
CA ALA C 7 -46.73 -14.63 10.55
C ALA C 7 -46.58 -14.22 9.08
N SER C 8 -46.57 -15.21 8.17
CA SER C 8 -46.39 -14.98 6.72
C SER C 8 -47.71 -14.69 5.99
N ILE C 9 -48.86 -14.70 6.68
CA ILE C 9 -50.18 -14.33 6.05
C ILE C 9 -50.09 -12.88 5.55
N ALA C 10 -49.68 -11.97 6.43
CA ALA C 10 -49.49 -10.53 6.15
C ALA C 10 -48.52 -10.36 4.97
N GLN C 11 -47.39 -11.09 4.99
CA GLN C 11 -46.35 -11.05 3.93
C GLN C 11 -46.95 -11.55 2.62
N ALA C 12 -47.68 -12.66 2.64
CA ALA C 12 -48.20 -13.31 1.41
C ALA C 12 -49.31 -12.45 0.81
N ARG C 13 -50.22 -11.93 1.65
CA ARG C 13 -51.41 -11.16 1.17
C ARG C 13 -50.95 -9.90 0.43
N LYS C 14 -49.94 -9.20 0.97
CA LYS C 14 -49.42 -7.93 0.36
C LYS C 14 -48.63 -8.25 -0.92
N LEU C 15 -47.89 -9.36 -0.96
CA LEU C 15 -47.01 -9.68 -2.12
C LEU C 15 -47.88 -10.11 -3.30
N VAL C 16 -48.88 -10.95 -3.06
CA VAL C 16 -49.77 -11.48 -4.15
C VAL C 16 -50.49 -10.29 -4.80
N GLU C 17 -51.02 -9.37 -3.99
CA GLU C 17 -51.72 -8.15 -4.51
C GLU C 17 -50.70 -7.23 -5.19
N GLN C 18 -49.42 -7.23 -4.76
CA GLN C 18 -48.37 -6.38 -5.39
C GLN C 18 -48.16 -6.83 -6.84
N LEU C 19 -48.05 -8.13 -7.09
CA LEU C 19 -47.88 -8.66 -8.46
C LEU C 19 -49.12 -8.38 -9.31
N LYS C 20 -50.31 -8.31 -8.70
CA LYS C 20 -51.55 -7.87 -9.42
C LYS C 20 -51.36 -6.42 -9.91
N MET C 21 -50.85 -5.54 -9.05
CA MET C 21 -50.67 -4.10 -9.38
C MET C 21 -49.68 -3.96 -10.54
N GLU C 22 -48.58 -4.71 -10.50
CA GLU C 22 -47.54 -4.68 -11.57
C GLU C 22 -48.09 -5.31 -12.86
N ALA C 23 -48.96 -6.31 -12.75
CA ALA C 23 -49.54 -7.00 -13.94
C ALA C 23 -50.41 -6.03 -14.74
N ASN C 24 -51.05 -5.06 -14.08
CA ASN C 24 -52.00 -4.10 -14.72
C ASN C 24 -51.23 -2.82 -15.09
N ILE C 25 -50.29 -2.93 -16.03
CA ILE C 25 -49.54 -1.76 -16.57
C ILE C 25 -49.62 -1.80 -18.09
N ASP C 26 -49.55 -0.61 -18.71
CA ASP C 26 -49.70 -0.43 -20.18
C ASP C 26 -48.31 -0.54 -20.80
N ARG C 27 -47.88 -1.76 -21.10
CA ARG C 27 -46.56 -2.01 -21.73
C ARG C 27 -46.58 -1.52 -23.19
N ILE C 28 -45.39 -1.19 -23.69
CA ILE C 28 -45.15 -0.76 -25.10
C ILE C 28 -44.09 -1.69 -25.66
N LYS C 29 -44.04 -1.78 -26.98
CA LYS C 29 -43.06 -2.63 -27.69
C LYS C 29 -41.67 -1.98 -27.55
N VAL C 30 -40.62 -2.76 -27.40
CA VAL C 30 -39.25 -2.19 -27.36
C VAL C 30 -38.97 -1.45 -28.68
N SER C 31 -39.52 -1.94 -29.79
CA SER C 31 -39.41 -1.29 -31.13
C SER C 31 -39.63 0.22 -31.01
N LYS C 32 -40.59 0.62 -30.16
CA LYS C 32 -40.98 2.03 -30.01
C LYS C 32 -40.20 2.65 -28.87
N ALA C 33 -39.84 1.88 -27.85
CA ALA C 33 -39.05 2.40 -26.70
C ALA C 33 -37.64 2.77 -27.17
N ALA C 34 -37.02 1.94 -28.00
CA ALA C 34 -35.63 2.11 -28.46
C ALA C 34 -35.56 3.33 -29.39
N ALA C 35 -36.55 3.49 -30.27
CA ALA C 35 -36.63 4.66 -31.17
C ALA C 35 -36.75 5.95 -30.35
N ASP C 36 -37.43 5.91 -29.20
CA ASP C 36 -37.59 7.11 -28.34
C ASP C 36 -36.31 7.36 -27.54
N LEU C 37 -35.37 6.43 -27.48
CA LEU C 37 -34.06 6.70 -26.85
C LEU C 37 -33.07 7.17 -27.90
N MET C 38 -33.15 6.62 -29.10
CA MET C 38 -32.29 7.12 -30.20
C MET C 38 -32.62 8.59 -30.47
N ALA C 39 -33.91 8.94 -30.50
CA ALA C 39 -34.37 10.30 -30.83
C ALA C 39 -33.79 11.28 -29.82
N TYR C 40 -33.90 10.99 -28.53
CA TYR C 40 -33.42 11.90 -27.47
C TYR C 40 -31.90 12.01 -27.57
N CYS C 41 -31.18 10.92 -27.80
CA CYS C 41 -29.71 10.99 -27.92
C CYS C 41 -29.30 11.70 -29.21
N GLU C 42 -30.16 11.74 -30.22
CA GLU C 42 -29.80 12.27 -31.55
C GLU C 42 -30.31 13.71 -31.67
N ALA C 43 -31.40 14.08 -31.00
CA ALA C 43 -31.86 15.48 -30.93
C ALA C 43 -30.83 16.31 -30.16
N HIS C 44 -30.29 15.79 -29.07
CA HIS C 44 -29.30 16.46 -28.21
C HIS C 44 -27.90 16.05 -28.66
N ALA C 45 -27.63 16.03 -29.96
CA ALA C 45 -26.32 15.60 -30.52
C ALA C 45 -25.25 16.64 -30.21
N LYS C 46 -25.56 17.91 -30.45
CA LYS C 46 -24.58 19.03 -30.38
C LYS C 46 -24.60 19.67 -29.00
N GLU C 47 -25.42 19.19 -28.07
CA GLU C 47 -25.50 19.75 -26.71
C GLU C 47 -24.66 18.92 -25.72
N ASP C 48 -23.87 17.94 -26.14
CA ASP C 48 -23.15 17.02 -25.22
C ASP C 48 -21.65 17.28 -25.32
N PRO C 49 -21.08 18.07 -24.39
CA PRO C 49 -19.65 18.34 -24.40
C PRO C 49 -18.76 17.10 -24.28
N LEU C 50 -19.15 16.08 -23.54
CA LEU C 50 -18.28 14.88 -23.38
C LEU C 50 -18.30 14.08 -24.68
N LEU C 51 -19.47 13.92 -25.29
CA LEU C 51 -19.59 13.13 -26.54
C LEU C 51 -18.89 13.89 -27.66
N THR C 52 -19.21 15.16 -27.86
CA THR C 52 -18.58 16.00 -28.91
C THR C 52 -17.71 17.01 -28.21
N PRO C 53 -16.37 16.82 -28.16
CA PRO C 53 -15.47 17.78 -27.50
C PRO C 53 -15.67 19.23 -27.97
N VAL C 54 -15.68 20.14 -27.00
CA VAL C 54 -15.86 21.59 -27.22
C VAL C 54 -14.47 22.20 -27.39
N PRO C 55 -14.32 23.38 -28.05
CA PRO C 55 -13.01 24.04 -28.12
C PRO C 55 -12.48 24.41 -26.72
N ALA C 56 -11.16 24.53 -26.55
CA ALA C 56 -10.53 25.03 -25.30
C ALA C 56 -11.10 26.40 -24.90
N SER C 57 -11.52 27.19 -25.88
CA SER C 57 -12.23 28.49 -25.72
C SER C 57 -13.43 28.34 -24.79
N GLU C 58 -14.26 27.32 -25.01
CA GLU C 58 -15.59 27.16 -24.35
C GLU C 58 -15.50 26.22 -23.13
N ASN C 59 -14.33 25.66 -22.84
CA ASN C 59 -14.16 24.63 -21.80
C ASN C 59 -13.74 25.31 -20.50
N PRO C 60 -14.55 25.30 -19.42
CA PRO C 60 -14.16 25.93 -18.17
C PRO C 60 -13.05 25.21 -17.41
N PHE C 61 -12.69 23.98 -17.75
CA PHE C 61 -11.68 23.21 -16.98
C PHE C 61 -10.27 23.38 -17.56
N ARG C 62 -10.10 24.20 -18.59
CA ARG C 62 -8.77 24.57 -19.15
C ARG C 62 -8.85 25.87 -19.97
N GLN D 3 -34.39 -13.80 -13.56
CA GLN D 3 -34.46 -13.79 -12.05
C GLN D 3 -33.64 -14.94 -11.45
N VAL D 4 -33.02 -14.71 -10.29
CA VAL D 4 -32.21 -15.75 -9.59
C VAL D 4 -33.18 -16.73 -8.95
N GLN D 5 -33.27 -17.93 -9.51
CA GLN D 5 -34.14 -19.00 -8.99
C GLN D 5 -33.27 -20.16 -8.50
N LEU D 6 -33.52 -20.63 -7.28
CA LEU D 6 -32.89 -21.85 -6.72
C LEU D 6 -33.98 -22.79 -6.23
N GLN D 7 -34.54 -23.60 -7.14
CA GLN D 7 -35.66 -24.52 -6.80
C GLN D 7 -35.04 -25.78 -6.20
N GLU D 8 -35.44 -26.11 -4.98
CA GLU D 8 -34.96 -27.30 -4.24
C GLU D 8 -35.81 -28.51 -4.62
N SER D 9 -35.33 -29.69 -4.28
CA SER D 9 -35.98 -30.98 -4.59
C SER D 9 -35.47 -32.04 -3.62
N GLY D 10 -36.15 -33.19 -3.60
CA GLY D 10 -35.84 -34.29 -2.68
C GLY D 10 -36.21 -33.96 -1.25
N GLY D 11 -35.97 -34.91 -0.36
CA GLY D 11 -36.29 -34.79 1.07
C GLY D 11 -37.72 -35.20 1.37
N GLY D 12 -37.89 -35.81 2.54
CA GLY D 12 -39.17 -36.35 3.01
C GLY D 12 -38.97 -37.20 4.24
N LEU D 13 -40.00 -37.95 4.61
CA LEU D 13 -39.99 -38.73 5.87
C LEU D 13 -39.11 -39.96 5.64
N VAL D 14 -37.98 -40.03 6.35
CA VAL D 14 -36.98 -41.13 6.20
C VAL D 14 -36.69 -41.73 7.58
N GLN D 15 -36.61 -43.06 7.64
CA GLN D 15 -36.27 -43.79 8.89
C GLN D 15 -34.80 -43.53 9.21
N PRO D 16 -34.39 -43.57 10.50
CA PRO D 16 -32.99 -43.33 10.88
C PRO D 16 -32.03 -44.27 10.14
N GLY D 17 -30.88 -43.73 9.75
CA GLY D 17 -29.87 -44.46 8.97
C GLY D 17 -30.26 -44.62 7.51
N GLY D 18 -31.22 -43.82 7.02
CA GLY D 18 -31.71 -43.89 5.63
C GLY D 18 -30.82 -43.14 4.66
N SER D 19 -31.29 -43.02 3.42
CA SER D 19 -30.58 -42.33 2.31
C SER D 19 -31.48 -41.23 1.74
N LEU D 20 -30.85 -40.17 1.25
CA LEU D 20 -31.52 -39.04 0.58
C LEU D 20 -30.59 -38.40 -0.43
N ARG D 21 -31.16 -37.69 -1.39
CA ARG D 21 -30.35 -36.93 -2.37
C ARG D 21 -31.12 -35.65 -2.69
N LEU D 22 -30.63 -34.53 -2.16
CA LEU D 22 -31.25 -33.22 -2.39
C LEU D 22 -30.66 -32.59 -3.65
N SER D 23 -31.53 -31.98 -4.46
CA SER D 23 -31.17 -31.36 -5.76
C SER D 23 -31.74 -29.94 -5.79
N CYS D 24 -30.90 -28.93 -6.04
CA CYS D 24 -31.39 -27.55 -6.29
C CYS D 24 -31.09 -27.21 -7.75
N ALA D 25 -32.12 -26.79 -8.49
CA ALA D 25 -32.01 -26.35 -9.89
C ALA D 25 -31.83 -24.82 -9.89
N ALA D 26 -30.76 -24.36 -10.52
CA ALA D 26 -30.41 -22.93 -10.57
C ALA D 26 -30.69 -22.39 -11.96
N SER D 27 -31.15 -21.14 -12.00
CA SER D 27 -31.42 -20.40 -13.26
C SER D 27 -31.26 -18.91 -13.03
N GLY D 28 -31.14 -18.18 -14.13
CA GLY D 28 -31.03 -16.71 -14.13
C GLY D 28 -29.67 -16.20 -13.67
N PHE D 29 -28.68 -17.06 -13.66
CA PHE D 29 -27.26 -16.68 -13.53
C PHE D 29 -26.39 -17.82 -14.05
N THR D 30 -25.14 -17.52 -14.29
CA THR D 30 -24.16 -18.51 -14.79
C THR D 30 -23.74 -19.34 -13.59
N PHE D 31 -24.20 -20.58 -13.52
CA PHE D 31 -24.02 -21.45 -12.32
C PHE D 31 -22.54 -21.72 -12.06
N SER D 32 -21.69 -21.60 -13.08
CA SER D 32 -20.28 -21.99 -13.04
C SER D 32 -19.41 -20.86 -12.48
N ASN D 33 -19.97 -19.71 -12.14
CA ASN D 33 -19.15 -18.58 -11.63
C ASN D 33 -19.27 -18.45 -10.12
N TYR D 34 -20.13 -19.23 -9.47
CA TYR D 34 -20.44 -19.01 -8.04
C TYR D 34 -20.11 -20.23 -7.21
N LYS D 35 -19.77 -20.02 -5.95
CA LYS D 35 -19.60 -21.12 -4.98
C LYS D 35 -20.96 -21.42 -4.39
N MET D 36 -21.42 -22.63 -4.52
CA MET D 36 -22.75 -23.04 -3.98
C MET D 36 -22.54 -23.71 -2.62
N ASN D 37 -23.45 -23.43 -1.69
CA ASN D 37 -23.41 -23.85 -0.27
C ASN D 37 -24.65 -24.69 -0.05
N TRP D 38 -24.73 -25.32 1.10
CA TRP D 38 -25.97 -25.91 1.62
C TRP D 38 -26.13 -25.44 3.05
N VAL D 39 -27.30 -24.94 3.41
CA VAL D 39 -27.60 -24.49 4.80
C VAL D 39 -28.89 -25.13 5.26
N ARG D 40 -29.02 -25.38 6.55
CA ARG D 40 -30.23 -26.03 7.12
C ARG D 40 -30.63 -25.26 8.37
N GLN D 41 -31.91 -25.34 8.71
CA GLN D 41 -32.46 -24.68 9.92
C GLN D 41 -33.25 -25.74 10.68
N ALA D 42 -32.65 -26.26 11.76
CA ALA D 42 -33.30 -27.24 12.64
C ALA D 42 -34.45 -26.56 13.33
N PRO D 43 -35.56 -27.28 13.61
CA PRO D 43 -36.67 -26.69 14.36
C PRO D 43 -36.19 -26.24 15.75
N GLY D 44 -36.63 -25.04 16.14
CA GLY D 44 -36.21 -24.38 17.39
C GLY D 44 -34.78 -23.86 17.36
N LYS D 45 -34.13 -23.77 16.20
CA LYS D 45 -32.74 -23.26 16.09
C LYS D 45 -32.62 -22.36 14.86
N GLY D 46 -31.56 -21.53 14.84
CA GLY D 46 -31.19 -20.67 13.70
C GLY D 46 -30.54 -21.46 12.58
N LEU D 47 -30.42 -20.86 11.39
CA LEU D 47 -29.77 -21.50 10.22
C LEU D 47 -28.32 -21.85 10.58
N GLU D 48 -27.87 -23.01 10.13
CA GLU D 48 -26.46 -23.46 10.26
C GLU D 48 -25.98 -23.92 8.90
N TRP D 49 -24.70 -23.69 8.65
CA TRP D 49 -24.04 -24.03 7.37
C TRP D 49 -23.70 -25.52 7.38
N VAL D 50 -23.94 -26.18 6.25
CA VAL D 50 -23.73 -27.65 6.13
C VAL D 50 -22.48 -27.91 5.32
N SER D 51 -22.41 -27.41 4.11
CA SER D 51 -21.23 -27.67 3.23
C SER D 51 -21.21 -26.68 2.08
N ASP D 52 -20.09 -26.61 1.37
CA ASP D 52 -19.94 -25.73 0.18
C ASP D 52 -19.17 -26.45 -0.91
N ILE D 53 -18.95 -25.82 -2.03
CA ILE D 53 -18.25 -26.41 -3.19
C ILE D 53 -17.87 -25.29 -4.15
N SER D 54 -16.63 -25.26 -4.58
CA SER D 54 -16.09 -24.15 -5.37
C SER D 54 -16.71 -24.22 -6.76
N GLN D 55 -16.36 -23.26 -7.60
CA GLN D 55 -16.95 -23.07 -8.93
C GLN D 55 -16.62 -24.32 -9.75
N SER D 56 -15.36 -24.76 -9.69
CA SER D 56 -14.84 -25.92 -10.45
C SER D 56 -15.37 -27.23 -9.87
N GLY D 57 -15.52 -27.30 -8.55
CA GLY D 57 -15.95 -28.50 -7.81
C GLY D 57 -14.76 -29.26 -7.26
N ALA D 58 -13.74 -28.53 -6.79
CA ALA D 58 -12.49 -29.11 -6.29
C ALA D 58 -12.11 -28.54 -4.92
N SER D 59 -12.96 -27.75 -4.26
CA SER D 59 -12.61 -27.13 -2.94
C SER D 59 -13.76 -27.36 -1.96
N ILE D 60 -14.23 -28.60 -1.94
CA ILE D 60 -15.37 -29.02 -1.09
C ILE D 60 -14.95 -28.89 0.37
N SER D 61 -15.84 -28.39 1.21
CA SER D 61 -15.73 -28.45 2.69
C SER D 61 -17.08 -28.83 3.30
N TYR D 62 -17.04 -29.44 4.47
CA TYR D 62 -18.24 -29.83 5.24
C TYR D 62 -18.16 -29.28 6.64
N THR D 63 -19.30 -29.29 7.34
CA THR D 63 -19.33 -29.01 8.78
C THR D 63 -18.89 -30.26 9.50
N GLY D 64 -18.53 -30.09 10.76
CA GLY D 64 -18.08 -31.23 11.57
C GLY D 64 -19.12 -32.33 11.64
N SER D 65 -20.37 -31.97 11.90
CA SER D 65 -21.43 -32.92 12.30
C SER D 65 -21.63 -33.96 11.20
N VAL D 66 -21.54 -33.57 9.93
CA VAL D 66 -21.90 -34.42 8.77
C VAL D 66 -20.68 -34.81 7.94
N LYS D 67 -19.46 -34.54 8.38
CA LYS D 67 -18.26 -34.80 7.54
C LYS D 67 -18.14 -36.32 7.38
N GLY D 68 -17.85 -36.76 6.15
CA GLY D 68 -17.75 -38.19 5.76
C GLY D 68 -19.11 -38.85 5.63
N ARG D 69 -20.15 -38.26 6.19
CA ARG D 69 -21.52 -38.81 6.11
C ARG D 69 -22.29 -38.17 4.94
N PHE D 70 -21.98 -36.95 4.51
CA PHE D 70 -22.61 -36.27 3.34
C PHE D 70 -21.56 -36.01 2.28
N THR D 71 -22.02 -36.05 1.03
CA THR D 71 -21.23 -35.67 -0.17
C THR D 71 -22.03 -34.64 -0.94
N ILE D 72 -21.38 -33.52 -1.24
CA ILE D 72 -21.90 -32.43 -2.08
C ILE D 72 -21.25 -32.53 -3.47
N SER D 73 -22.06 -32.36 -4.50
CA SER D 73 -21.59 -32.39 -5.90
C SER D 73 -22.39 -31.39 -6.73
N ARG D 74 -21.80 -30.94 -7.83
CA ARG D 74 -22.47 -30.00 -8.76
C ARG D 74 -22.23 -30.45 -10.20
N ASP D 75 -23.12 -30.06 -11.10
CA ASP D 75 -23.02 -30.34 -12.55
C ASP D 75 -23.27 -29.03 -13.31
N ASN D 76 -22.21 -28.38 -13.76
CA ASN D 76 -22.33 -27.05 -14.38
C ASN D 76 -23.09 -27.17 -15.70
N ALA D 77 -22.90 -28.23 -16.46
CA ALA D 77 -23.62 -28.46 -17.73
C ALA D 77 -25.14 -28.49 -17.46
N LYS D 78 -25.58 -29.23 -16.45
CA LYS D 78 -27.00 -29.34 -16.09
C LYS D 78 -27.46 -28.12 -15.27
N ASN D 79 -26.52 -27.36 -14.67
CA ASN D 79 -26.77 -26.17 -13.81
C ASN D 79 -27.53 -26.64 -12.57
N THR D 80 -26.94 -27.54 -11.81
CA THR D 80 -27.60 -28.14 -10.64
C THR D 80 -26.58 -28.49 -9.57
N LEU D 81 -27.05 -28.59 -8.34
CA LEU D 81 -26.21 -28.87 -7.16
C LEU D 81 -26.88 -29.99 -6.39
N TYR D 82 -26.08 -30.92 -5.91
CA TYR D 82 -26.56 -32.14 -5.24
C TYR D 82 -26.02 -32.18 -3.82
N LEU D 83 -26.75 -32.86 -2.95
CA LEU D 83 -26.27 -33.22 -1.58
C LEU D 83 -26.75 -34.63 -1.26
N GLN D 84 -25.84 -35.59 -1.37
CA GLN D 84 -26.12 -36.99 -1.04
C GLN D 84 -26.10 -37.10 0.47
N MET D 85 -27.19 -37.58 1.04
CA MET D 85 -27.29 -37.80 2.51
C MET D 85 -27.52 -39.29 2.74
N ASN D 86 -26.73 -39.90 3.61
CA ASN D 86 -26.89 -41.32 3.99
C ASN D 86 -26.55 -41.49 5.47
N SER D 87 -27.05 -42.55 6.07
CA SER D 87 -26.86 -42.85 7.51
C SER D 87 -27.34 -41.63 8.33
N LEU D 88 -28.59 -41.22 8.11
CA LEU D 88 -29.17 -40.04 8.76
C LEU D 88 -29.43 -40.29 10.26
N LYS D 89 -29.58 -39.19 11.00
CA LYS D 89 -29.85 -39.18 12.45
C LYS D 89 -31.10 -38.36 12.72
N PRO D 90 -31.78 -38.55 13.87
CA PRO D 90 -32.78 -37.61 14.35
C PRO D 90 -32.27 -36.17 14.58
N GLU D 91 -30.95 -35.98 14.70
CA GLU D 91 -30.27 -34.64 14.71
C GLU D 91 -30.41 -33.93 13.36
N ASP D 92 -30.65 -34.67 12.27
CA ASP D 92 -30.56 -34.15 10.88
C ASP D 92 -31.90 -33.59 10.40
N THR D 93 -32.99 -33.77 11.14
CA THR D 93 -34.31 -33.16 10.80
C THR D 93 -34.19 -31.63 10.76
N ALA D 94 -34.42 -31.04 9.60
CA ALA D 94 -34.32 -29.58 9.34
C ALA D 94 -34.78 -29.28 7.92
N VAL D 95 -34.87 -27.99 7.58
CA VAL D 95 -35.18 -27.55 6.20
C VAL D 95 -33.84 -27.19 5.55
N TYR D 96 -33.53 -27.84 4.42
CA TYR D 96 -32.24 -27.68 3.71
C TYR D 96 -32.40 -26.67 2.58
N TYR D 97 -31.68 -25.55 2.65
CA TYR D 97 -31.71 -24.48 1.64
C TYR D 97 -30.42 -24.52 0.84
N CYS D 98 -30.51 -24.45 -0.47
CA CYS D 98 -29.34 -24.40 -1.38
C CYS D 98 -28.98 -22.94 -1.54
N ALA D 99 -27.89 -22.48 -0.92
CA ALA D 99 -27.47 -21.06 -0.91
C ALA D 99 -26.36 -20.82 -1.91
N ARG D 100 -26.28 -19.63 -2.47
CA ARG D 100 -25.27 -19.25 -3.50
C ARG D 100 -24.45 -18.09 -2.95
N CYS D 101 -23.15 -18.09 -3.18
CA CYS D 101 -22.27 -16.99 -2.69
C CYS D 101 -22.82 -15.69 -3.22
N PRO D 102 -22.75 -14.57 -2.48
CA PRO D 102 -23.37 -13.33 -2.94
C PRO D 102 -22.78 -12.85 -4.27
N ALA D 103 -21.46 -12.85 -4.43
CA ALA D 103 -20.79 -12.34 -5.64
C ALA D 103 -20.01 -13.41 -6.36
N PRO D 104 -19.80 -13.31 -7.70
CA PRO D 104 -18.99 -14.28 -8.44
C PRO D 104 -17.48 -14.11 -8.30
N PHE D 105 -16.76 -15.20 -8.59
CA PHE D 105 -15.28 -15.29 -8.61
C PHE D 105 -14.71 -14.79 -7.29
N THR D 106 -15.23 -15.33 -6.20
CA THR D 106 -14.75 -14.96 -4.83
C THR D 106 -14.49 -16.23 -4.05
N ARG D 107 -13.48 -16.21 -3.19
CA ARG D 107 -13.20 -17.35 -2.28
C ARG D 107 -13.87 -17.09 -0.94
N ASP D 108 -14.70 -16.03 -0.86
CA ASP D 108 -15.39 -15.65 0.40
C ASP D 108 -16.91 -15.60 0.21
N CYS D 109 -17.65 -16.07 1.18
CA CYS D 109 -19.13 -16.02 1.24
C CYS D 109 -19.48 -15.30 2.53
N PHE D 110 -20.31 -14.25 2.53
CA PHE D 110 -20.37 -13.40 3.75
C PHE D 110 -21.67 -13.54 4.55
N ASP D 111 -22.81 -13.80 3.96
CA ASP D 111 -24.03 -13.80 4.82
C ASP D 111 -25.05 -14.76 4.22
N VAL D 112 -24.59 -15.95 3.92
CA VAL D 112 -25.33 -17.06 3.29
C VAL D 112 -26.33 -17.62 4.31
N THR D 113 -26.00 -17.58 5.60
CA THR D 113 -26.84 -18.23 6.62
C THR D 113 -27.66 -17.15 7.28
N SER D 114 -27.80 -15.98 6.68
CA SER D 114 -28.50 -14.85 7.38
C SER D 114 -30.01 -15.08 7.30
N THR D 115 -30.77 -14.29 8.04
CA THR D 115 -32.22 -14.53 8.23
C THR D 115 -32.89 -14.30 6.89
N THR D 116 -32.79 -13.08 6.38
CA THR D 116 -33.34 -12.69 5.08
C THR D 116 -32.16 -12.57 4.13
N TYR D 117 -31.87 -13.64 3.40
CA TYR D 117 -30.82 -13.67 2.35
C TYR D 117 -31.54 -13.81 1.01
N ALA D 118 -31.05 -13.12 -0.01
CA ALA D 118 -31.75 -13.02 -1.31
C ALA D 118 -31.51 -14.27 -2.15
N TYR D 119 -30.29 -14.81 -2.15
CA TYR D 119 -29.85 -15.84 -3.12
C TYR D 119 -29.88 -17.21 -2.42
N ARG D 120 -30.93 -17.49 -1.72
CA ARG D 120 -31.16 -18.80 -1.08
C ARG D 120 -32.48 -19.38 -1.57
N GLY D 121 -32.59 -20.70 -1.53
CA GLY D 121 -33.84 -21.39 -1.92
C GLY D 121 -34.95 -21.21 -0.92
N GLN D 122 -36.16 -21.62 -1.27
CA GLN D 122 -37.29 -21.70 -0.31
C GLN D 122 -37.05 -22.89 0.65
N GLY D 123 -36.41 -23.98 0.20
CA GLY D 123 -35.92 -25.09 1.04
C GLY D 123 -36.80 -26.33 0.89
N THR D 124 -36.29 -27.49 1.30
CA THR D 124 -37.07 -28.76 1.41
C THR D 124 -36.99 -29.29 2.84
N GLN D 125 -38.12 -29.70 3.40
CA GLN D 125 -38.18 -30.30 4.76
C GLN D 125 -37.62 -31.73 4.68
N VAL D 126 -36.44 -31.94 5.24
CA VAL D 126 -35.89 -33.30 5.48
C VAL D 126 -36.14 -33.67 6.95
N THR D 127 -36.95 -34.70 7.16
CA THR D 127 -37.37 -35.13 8.53
C THR D 127 -37.01 -36.60 8.72
N VAL D 128 -36.42 -36.91 9.87
CA VAL D 128 -35.88 -38.26 10.17
C VAL D 128 -36.48 -38.71 11.49
N SER D 129 -37.24 -39.81 11.46
CA SER D 129 -38.03 -40.36 12.59
C SER D 129 -38.65 -41.71 12.16
N SER D 130 -39.50 -42.30 12.99
CA SER D 130 -40.30 -43.51 12.63
C SER D 130 -41.78 -43.13 12.46
N ALA E 1 41.28 2.27 9.37
CA ALA E 1 41.70 2.86 8.10
C ALA E 1 40.47 3.17 7.27
N VAL E 2 40.29 4.42 6.81
CA VAL E 2 39.40 4.71 5.65
C VAL E 2 40.22 4.42 4.39
N SER E 3 39.99 3.27 3.79
CA SER E 3 40.80 2.76 2.67
C SER E 3 40.97 3.84 1.59
N GLU E 4 39.93 4.57 1.18
CA GLU E 4 40.08 5.56 0.07
C GLU E 4 41.09 6.62 0.47
N HIS E 5 41.01 7.19 1.66
CA HIS E 5 41.96 8.24 2.14
C HIS E 5 43.36 7.63 2.23
N GLN E 6 43.49 6.41 2.71
CA GLN E 6 44.80 5.73 2.76
C GLN E 6 45.37 5.63 1.35
N LEU E 7 44.59 5.19 0.40
CA LEU E 7 45.06 5.06 -1.00
C LEU E 7 45.46 6.44 -1.52
N LEU E 8 44.70 7.49 -1.22
CA LEU E 8 45.07 8.88 -1.62
C LEU E 8 46.49 9.13 -1.12
N HIS E 9 46.69 9.04 0.19
CA HIS E 9 48.02 9.31 0.83
C HIS E 9 49.09 8.46 0.16
N ASP E 10 48.86 7.15 0.07
CA ASP E 10 49.86 6.20 -0.50
C ASP E 10 50.23 6.63 -1.91
N LYS E 11 49.24 6.86 -2.77
CA LYS E 11 49.49 7.21 -4.20
C LYS E 11 50.38 8.43 -4.27
N GLY E 12 50.02 9.47 -3.50
CA GLY E 12 50.78 10.73 -3.50
C GLY E 12 52.21 10.48 -3.09
N LYS E 13 52.41 9.79 -1.96
CA LYS E 13 53.78 9.52 -1.47
C LYS E 13 54.56 8.80 -2.58
N SER E 14 53.97 7.77 -3.18
CA SER E 14 54.65 6.98 -4.23
C SER E 14 55.11 7.91 -5.35
N ILE E 15 54.21 8.71 -5.91
CA ILE E 15 54.55 9.54 -7.11
C ILE E 15 55.62 10.54 -6.70
N GLN E 16 55.50 11.14 -5.52
CA GLN E 16 56.49 12.18 -5.11
C GLN E 16 57.87 11.54 -4.94
N ASP E 17 57.93 10.32 -4.42
CA ASP E 17 59.21 9.57 -4.26
C ASP E 17 59.85 9.26 -5.61
N LEU E 18 59.19 8.65 -6.59
CA LEU E 18 59.88 8.50 -7.90
C LEU E 18 60.34 9.88 -8.41
N ARG E 19 59.50 10.91 -8.23
CA ARG E 19 59.96 12.28 -8.64
C ARG E 19 61.32 12.53 -7.99
N ARG E 20 61.41 12.30 -6.69
CA ARG E 20 62.68 12.53 -5.96
C ARG E 20 63.76 11.53 -6.41
N ARG E 21 63.39 10.34 -6.89
CA ARG E 21 64.39 9.37 -7.36
C ARG E 21 64.96 9.79 -8.71
N PHE E 22 64.11 10.07 -9.70
CA PHE E 22 64.57 10.52 -11.04
C PHE E 22 65.65 11.59 -10.86
N PHE E 23 65.29 12.65 -10.14
CA PHE E 23 66.20 13.79 -9.88
C PHE E 23 67.51 13.26 -9.26
N LEU E 24 67.40 12.43 -8.23
CA LEU E 24 68.60 11.93 -7.51
C LEU E 24 69.50 11.17 -8.49
N HIS E 25 68.95 10.17 -9.17
CA HIS E 25 69.68 9.33 -10.15
C HIS E 25 70.58 10.24 -11.02
N HIS E 26 69.96 11.10 -11.82
CA HIS E 26 70.71 11.96 -12.78
C HIS E 26 71.81 12.75 -12.04
N LEU E 27 71.45 13.50 -10.99
CA LEU E 27 72.43 14.35 -10.25
C LEU E 27 73.58 13.48 -9.72
N ILE E 28 73.27 12.35 -9.08
CA ILE E 28 74.30 11.44 -8.48
C ILE E 28 75.23 10.95 -9.60
N ALA E 29 74.67 10.57 -10.74
CA ALA E 29 75.45 10.09 -11.91
C ALA E 29 76.41 11.21 -12.36
N GLU E 30 75.89 12.43 -12.52
CA GLU E 30 76.70 13.60 -12.95
C GLU E 30 77.86 13.79 -11.97
N ILE E 31 77.59 13.69 -10.66
CA ILE E 31 78.63 13.88 -9.61
C ILE E 31 79.71 12.79 -9.75
N HIS E 32 79.29 11.52 -9.94
CA HIS E 32 80.21 10.35 -10.07
C HIS E 32 81.38 10.64 -11.02
N VAL F 12 55.79 13.01 3.66
CA VAL F 12 56.79 12.58 2.63
C VAL F 12 57.58 13.80 2.12
N MET F 13 58.89 13.69 2.07
CA MET F 13 59.76 14.80 1.60
C MET F 13 59.64 14.91 0.09
N THR F 14 59.21 16.06 -0.39
CA THR F 14 59.01 16.33 -1.85
C THR F 14 60.36 16.62 -2.51
N LYS F 15 60.40 16.56 -3.83
CA LYS F 15 61.58 16.99 -4.63
C LYS F 15 61.88 18.46 -4.33
N GLU F 16 60.84 19.31 -4.30
CA GLU F 16 60.97 20.78 -4.03
C GLU F 16 61.70 21.01 -2.70
N GLU F 17 61.30 20.22 -1.69
CA GLU F 17 61.90 20.22 -0.33
C GLU F 17 63.38 19.82 -0.46
N GLN F 18 63.65 18.68 -1.11
CA GLN F 18 65.01 18.11 -1.27
C GLN F 18 65.92 19.14 -1.95
N ILE F 19 65.38 19.88 -2.91
CA ILE F 19 66.16 20.87 -3.70
C ILE F 19 66.53 22.01 -2.75
N PHE F 20 65.60 22.40 -1.89
CA PHE F 20 65.88 23.45 -0.89
C PHE F 20 66.97 22.96 0.06
N LEU F 21 66.89 21.71 0.51
CA LEU F 21 67.89 21.18 1.48
C LEU F 21 69.29 21.17 0.85
N LEU F 22 69.37 20.83 -0.44
CA LEU F 22 70.65 20.84 -1.20
C LEU F 22 71.17 22.28 -1.27
N HIS F 23 70.26 23.23 -1.51
CA HIS F 23 70.62 24.66 -1.60
C HIS F 23 71.19 25.14 -0.25
N ARG F 24 70.67 24.59 0.84
CA ARG F 24 71.10 24.94 2.22
C ARG F 24 72.51 24.39 2.46
N ALA F 25 72.73 23.12 2.12
CA ALA F 25 74.05 22.47 2.24
C ALA F 25 75.06 23.19 1.34
N GLN F 26 74.60 23.66 0.17
CA GLN F 26 75.47 24.39 -0.77
C GLN F 26 75.92 25.72 -0.16
N ALA F 27 74.98 26.50 0.39
CA ALA F 27 75.29 27.80 1.03
C ALA F 27 76.25 27.58 2.20
N GLN F 28 75.99 26.53 2.99
CA GLN F 28 76.84 26.12 4.13
C GLN F 28 78.23 25.78 3.62
N CYS F 29 78.32 25.17 2.43
CA CYS F 29 79.61 24.81 1.80
C CYS F 29 80.36 26.08 1.38
N GLU F 30 79.64 27.05 0.80
CA GLU F 30 80.25 28.30 0.27
C GLU F 30 80.77 29.16 1.43
N LYS F 31 80.01 29.22 2.52
CA LYS F 31 80.45 29.95 3.75
C LYS F 31 81.72 29.27 4.27
N ARG F 32 81.82 27.95 4.10
CA ARG F 32 83.00 27.17 4.54
C ARG F 32 84.21 27.56 3.65
N LEU F 33 84.02 27.63 2.33
CA LEU F 33 85.13 27.93 1.37
C LEU F 33 85.60 29.38 1.55
N ARG F 87 100.96 19.90 -0.05
CA ARG F 87 99.88 20.76 -0.64
C ARG F 87 98.59 19.95 -0.72
N PRO F 88 97.55 20.30 0.09
CA PRO F 88 96.27 19.55 0.09
C PRO F 88 95.34 19.91 -1.09
N CYS F 89 94.38 19.02 -1.36
CA CYS F 89 93.30 19.29 -2.35
C CYS F 89 92.31 20.24 -1.68
N LEU F 90 91.74 21.18 -2.43
CA LEU F 90 90.91 22.25 -1.84
C LEU F 90 89.48 21.74 -1.62
N PRO F 91 88.79 22.19 -0.55
CA PRO F 91 87.38 21.84 -0.35
C PRO F 91 86.53 22.32 -1.54
N GLU F 92 85.49 21.56 -1.92
CA GLU F 92 84.59 22.05 -3.00
C GLU F 92 83.18 21.45 -2.89
N TRP F 93 82.26 22.08 -3.60
CA TRP F 93 80.85 21.63 -3.72
C TRP F 93 80.70 20.88 -5.04
N ASP F 94 80.16 19.67 -5.02
CA ASP F 94 80.03 18.84 -6.25
C ASP F 94 78.55 18.74 -6.68
N HIS F 95 77.66 19.60 -6.16
CA HIS F 95 76.19 19.59 -6.42
C HIS F 95 75.45 18.63 -5.46
N ILE F 96 76.16 17.86 -4.63
CA ILE F 96 75.53 16.95 -3.64
C ILE F 96 76.18 17.11 -2.26
N LEU F 97 77.51 17.09 -2.21
CA LEU F 97 78.30 17.09 -0.96
C LEU F 97 79.32 18.21 -0.99
N CYS F 98 79.68 18.70 0.20
CA CYS F 98 80.82 19.63 0.34
C CYS F 98 82.04 18.79 0.71
N TRP F 99 83.04 18.71 -0.16
CA TRP F 99 84.27 17.92 0.08
C TRP F 99 85.21 18.76 0.94
N PRO F 100 85.81 18.21 2.02
CA PRO F 100 86.75 18.99 2.84
C PRO F 100 88.14 19.03 2.20
N LEU F 101 89.09 19.65 2.90
CA LEU F 101 90.53 19.62 2.54
C LEU F 101 90.95 18.16 2.42
N GLY F 102 91.70 17.82 1.36
CA GLY F 102 92.20 16.45 1.12
C GLY F 102 93.69 16.39 1.35
N ALA F 103 94.16 15.43 2.16
CA ALA F 103 95.61 15.19 2.32
C ALA F 103 96.17 14.64 1.00
N PRO F 104 97.26 15.21 0.44
CA PRO F 104 97.77 14.74 -0.86
C PRO F 104 98.15 13.25 -0.80
N GLY F 105 97.74 12.49 -1.81
CA GLY F 105 98.03 11.05 -1.91
C GLY F 105 97.05 10.20 -1.12
N GLU F 106 95.99 10.79 -0.54
CA GLU F 106 95.06 10.00 0.33
C GLU F 106 93.65 9.92 -0.27
N VAL F 107 92.94 8.85 0.09
CA VAL F 107 91.50 8.70 -0.19
C VAL F 107 90.78 9.60 0.82
N VAL F 108 89.79 10.37 0.38
CA VAL F 108 89.00 11.24 1.29
C VAL F 108 87.60 10.62 1.41
N ALA F 109 87.17 10.30 2.63
CA ALA F 109 85.85 9.68 2.91
C ALA F 109 84.93 10.73 3.54
N VAL F 110 83.70 10.86 3.02
CA VAL F 110 82.67 11.78 3.62
C VAL F 110 81.42 10.94 3.90
N PRO F 111 80.82 11.03 5.10
CA PRO F 111 79.54 10.36 5.39
C PRO F 111 78.46 10.71 4.36
N CYS F 112 77.71 9.72 3.89
CA CYS F 112 76.58 9.97 2.96
C CYS F 112 75.65 10.97 3.64
N PRO F 113 75.50 12.20 3.09
CA PRO F 113 74.87 13.33 3.79
C PRO F 113 73.43 13.11 4.29
N ASP F 114 73.15 13.54 5.52
CA ASP F 114 71.82 13.40 6.17
C ASP F 114 70.72 14.10 5.38
N TYR F 115 71.04 15.22 4.73
CA TYR F 115 70.03 16.06 4.06
C TYR F 115 69.56 15.42 2.74
N ILE F 116 70.17 14.32 2.28
CA ILE F 116 69.67 13.55 1.11
C ILE F 116 68.78 12.42 1.65
N TYR F 117 67.47 12.60 1.58
CA TYR F 117 66.50 11.64 2.17
C TYR F 117 66.79 10.20 1.70
N ASP F 118 67.00 10.00 0.41
CA ASP F 118 67.08 8.63 -0.16
C ASP F 118 68.44 7.98 0.05
N PHE F 119 69.42 8.67 0.64
CA PHE F 119 70.77 8.07 0.81
C PHE F 119 70.83 7.07 1.96
N ASN F 120 71.80 6.16 1.87
CA ASN F 120 72.15 5.23 2.97
C ASN F 120 73.04 6.05 3.93
N HIS F 121 72.54 6.43 5.09
CA HIS F 121 73.26 7.41 5.95
C HIS F 121 74.38 6.78 6.78
N LYS F 122 74.53 5.44 6.76
CA LYS F 122 75.66 4.76 7.46
C LYS F 122 76.86 4.65 6.51
N GLY F 123 76.66 5.01 5.22
CA GLY F 123 77.70 4.84 4.18
C GLY F 123 78.59 6.06 4.02
N HIS F 124 79.64 5.92 3.21
CA HIS F 124 80.55 7.04 2.87
C HIS F 124 80.67 7.18 1.36
N ALA F 125 80.88 8.40 0.91
CA ALA F 125 81.29 8.70 -0.48
C ALA F 125 82.80 8.95 -0.46
N TYR F 126 83.49 8.68 -1.56
CA TYR F 126 84.97 8.78 -1.58
C TYR F 126 85.46 9.60 -2.79
N ARG F 127 86.49 10.40 -2.54
CA ARG F 127 87.30 11.05 -3.61
C ARG F 127 88.74 10.59 -3.39
N ARG F 128 89.59 10.82 -4.38
CA ARG F 128 91.05 10.55 -4.24
C ARG F 128 91.77 11.87 -4.42
N CYS F 129 92.58 12.26 -3.43
CA CYS F 129 93.43 13.46 -3.54
C CYS F 129 94.82 13.01 -4.01
N ASP F 130 95.28 13.46 -5.18
CA ASP F 130 96.60 13.02 -5.73
C ASP F 130 97.76 13.69 -4.96
N ARG F 131 98.99 13.20 -5.19
CA ARG F 131 100.22 13.63 -4.46
C ARG F 131 100.50 15.13 -4.62
N ASN F 132 99.97 15.78 -5.65
CA ASN F 132 100.25 17.21 -5.94
C ASN F 132 99.17 18.12 -5.34
N GLY F 133 98.15 17.56 -4.67
CA GLY F 133 97.03 18.35 -4.12
C GLY F 133 95.97 18.68 -5.15
N SER F 134 95.84 17.87 -6.19
CA SER F 134 94.71 17.98 -7.15
C SER F 134 93.79 16.78 -6.94
N TRP F 135 92.48 17.01 -6.94
CA TRP F 135 91.50 15.89 -6.92
C TRP F 135 91.72 15.03 -8.17
N GLU F 136 91.74 13.71 -8.00
CA GLU F 136 91.98 12.77 -9.13
C GLU F 136 90.84 12.87 -10.14
N LEU F 137 91.18 12.96 -11.42
CA LEU F 137 90.16 13.05 -12.50
C LEU F 137 89.95 11.65 -13.07
N VAL F 138 88.73 11.40 -13.56
CA VAL F 138 88.41 10.19 -14.36
C VAL F 138 89.29 10.23 -15.59
N PRO F 139 90.04 9.14 -15.90
CA PRO F 139 90.81 9.09 -17.14
C PRO F 139 89.92 9.23 -18.39
N GLY F 140 90.35 10.06 -19.35
CA GLY F 140 89.63 10.28 -20.62
C GLY F 140 88.50 11.30 -20.47
N HIS F 141 88.35 11.91 -19.29
CA HIS F 141 87.30 12.92 -19.03
C HIS F 141 87.85 14.03 -18.13
N ASN F 142 87.14 15.15 -18.07
CA ASN F 142 87.53 16.32 -17.22
C ASN F 142 86.85 16.24 -15.86
N ARG F 143 86.04 15.20 -15.62
CA ARG F 143 85.24 15.09 -14.37
C ARG F 143 86.12 14.55 -13.23
N THR F 144 85.81 14.93 -12.00
CA THR F 144 86.52 14.48 -10.77
C THR F 144 86.07 13.04 -10.48
N TRP F 145 87.01 12.18 -10.13
CA TRP F 145 86.70 10.79 -9.67
C TRP F 145 85.94 10.87 -8.33
N ALA F 146 84.75 10.26 -8.26
CA ALA F 146 83.96 10.19 -7.01
C ALA F 146 83.16 8.89 -6.98
N ASN F 147 83.18 8.20 -5.85
CA ASN F 147 82.44 6.92 -5.70
C ASN F 147 81.30 7.12 -4.69
N TYR F 148 80.06 7.16 -5.19
CA TYR F 148 78.87 7.36 -4.33
C TYR F 148 78.10 6.03 -4.17
N SER F 149 78.69 4.89 -4.55
CA SER F 149 77.95 3.60 -4.59
C SER F 149 77.44 3.21 -3.19
N GLU F 150 78.17 3.52 -2.10
CA GLU F 150 77.70 3.23 -0.72
C GLU F 150 76.44 4.06 -0.38
N CYS F 151 76.33 5.27 -0.91
CA CYS F 151 75.22 6.20 -0.59
C CYS F 151 73.92 5.71 -1.23
N VAL F 152 73.99 5.26 -2.48
CA VAL F 152 72.80 4.83 -3.29
C VAL F 152 72.54 3.33 -3.10
N LYS F 153 73.10 2.73 -2.03
CA LYS F 153 73.00 1.27 -1.76
C LYS F 153 71.53 0.80 -1.74
N ASN F 157 67.60 1.27 -5.87
CA ASN F 157 66.49 0.28 -6.04
C ASN F 157 65.13 0.96 -6.38
N GLU F 158 65.16 2.25 -6.83
CA GLU F 158 63.95 3.06 -7.20
C GLU F 158 63.21 2.40 -8.37
N THR F 159 63.98 1.71 -9.24
CA THR F 159 63.58 1.24 -10.58
C THR F 159 62.42 0.26 -10.43
N ARG F 160 61.34 0.53 -11.17
CA ARG F 160 60.21 -0.42 -11.43
C ARG F 160 59.59 -0.80 -10.09
N GLU F 161 59.05 0.19 -9.38
CA GLU F 161 58.32 -0.01 -8.10
C GLU F 161 56.84 -0.31 -8.39
N ARG F 162 56.03 0.67 -8.79
CA ARG F 162 54.55 0.64 -8.55
C ARG F 162 53.76 0.83 -9.83
N GLU F 163 53.00 -0.20 -10.20
CA GLU F 163 51.87 -0.08 -11.15
C GLU F 163 50.61 -0.77 -10.64
N VAL F 164 50.59 -1.30 -9.40
CA VAL F 164 49.34 -1.84 -8.75
C VAL F 164 48.29 -0.72 -8.65
N PHE F 165 48.74 0.50 -8.37
CA PHE F 165 47.85 1.66 -8.25
C PHE F 165 47.07 1.89 -9.55
N ASP F 166 47.67 1.63 -10.71
CA ASP F 166 46.98 1.80 -12.02
C ASP F 166 45.98 0.66 -12.20
N ARG F 167 46.31 -0.56 -11.78
CA ARG F 167 45.36 -1.70 -11.88
C ARG F 167 44.17 -1.43 -10.96
N LEU F 168 44.42 -0.97 -9.73
CA LEU F 168 43.35 -0.60 -8.77
C LEU F 168 42.55 0.52 -9.40
N GLY F 169 43.21 1.49 -10.04
CA GLY F 169 42.52 2.62 -10.69
C GLY F 169 41.46 2.12 -11.65
N MET F 170 41.82 1.12 -12.47
CA MET F 170 40.89 0.46 -13.42
C MET F 170 39.86 -0.36 -12.63
N ILE F 171 40.22 -1.00 -11.52
CA ILE F 171 39.26 -1.79 -10.68
C ILE F 171 38.09 -0.89 -10.37
N TYR F 172 38.32 0.33 -9.87
CA TYR F 172 37.25 1.13 -9.24
C TYR F 172 36.63 2.08 -10.22
N THR F 173 37.34 2.50 -11.26
CA THR F 173 36.75 3.38 -12.30
C THR F 173 35.65 2.62 -13.03
N VAL F 174 35.78 1.30 -13.17
CA VAL F 174 34.70 0.47 -13.78
C VAL F 174 33.56 0.47 -12.79
N GLY F 175 33.83 0.13 -11.53
CA GLY F 175 32.75 -0.03 -10.57
C GLY F 175 32.07 1.28 -10.28
N TYR F 176 32.82 2.35 -10.07
CA TYR F 176 32.23 3.66 -9.74
C TYR F 176 31.53 4.24 -10.97
N SER F 177 31.74 3.68 -12.17
CA SER F 177 31.06 4.16 -13.41
C SER F 177 29.68 3.50 -13.53
N VAL F 178 29.61 2.19 -13.39
CA VAL F 178 28.31 1.47 -13.35
C VAL F 178 27.48 1.90 -12.13
N SER F 179 28.13 2.16 -11.00
CA SER F 179 27.48 2.78 -9.82
C SER F 179 27.01 4.22 -10.11
N LEU F 180 27.56 4.90 -11.09
CA LEU F 180 27.08 6.25 -11.48
C LEU F 180 26.03 6.12 -12.57
N ALA F 181 26.17 5.14 -13.48
CA ALA F 181 25.25 4.92 -14.62
C ALA F 181 23.92 4.40 -14.10
N SER F 182 23.94 3.44 -13.20
CA SER F 182 22.72 2.79 -12.65
C SER F 182 22.00 3.75 -11.70
N LEU F 183 22.72 4.49 -10.88
CA LEU F 183 22.09 5.34 -9.85
C LEU F 183 21.49 6.60 -10.47
N THR F 184 22.08 7.15 -11.53
CA THR F 184 21.47 8.31 -12.24
C THR F 184 20.14 7.89 -12.85
N VAL F 185 20.01 6.63 -13.27
CA VAL F 185 18.71 6.04 -13.70
C VAL F 185 17.78 5.94 -12.49
N ALA F 186 18.27 5.40 -11.37
CA ALA F 186 17.43 5.14 -10.19
C ALA F 186 16.86 6.44 -9.60
N VAL F 187 17.61 7.52 -9.57
CA VAL F 187 17.14 8.81 -8.97
C VAL F 187 15.99 9.35 -9.82
N LEU F 188 16.07 9.25 -11.15
CA LEU F 188 15.02 9.78 -12.05
C LEU F 188 13.74 8.98 -11.83
N ILE F 189 13.86 7.66 -11.73
CA ILE F 189 12.67 6.78 -11.59
C ILE F 189 11.98 7.09 -10.27
N LEU F 190 12.74 7.26 -9.19
CA LEU F 190 12.17 7.64 -7.88
C LEU F 190 11.61 9.06 -7.91
N ALA F 191 11.95 9.90 -8.89
CA ALA F 191 11.50 11.31 -8.94
C ALA F 191 10.36 11.50 -9.97
N TYR F 192 10.39 10.75 -11.09
CA TYR F 192 9.41 10.83 -12.21
C TYR F 192 8.06 10.27 -11.80
N PHE F 193 7.97 9.42 -10.75
CA PHE F 193 6.71 8.75 -10.34
C PHE F 193 6.32 9.30 -8.99
N ARG F 194 5.31 10.17 -8.98
CA ARG F 194 4.91 10.94 -7.77
C ARG F 194 4.32 9.98 -6.72
N ARG F 195 3.89 8.78 -7.11
CA ARG F 195 3.30 7.79 -6.17
C ARG F 195 4.40 7.15 -5.32
N LEU F 196 5.65 7.15 -5.81
CA LEU F 196 6.83 6.60 -5.07
C LEU F 196 7.34 7.63 -4.07
N HIS F 197 6.82 8.86 -4.03
CA HIS F 197 7.33 9.93 -3.14
C HIS F 197 6.89 9.63 -1.69
N CYS F 198 7.44 8.55 -1.14
CA CYS F 198 7.32 8.21 0.30
C CYS F 198 8.30 9.10 1.06
N THR F 199 8.54 8.80 2.32
CA THR F 199 9.69 9.38 3.05
C THR F 199 10.68 8.28 3.37
N ARG F 200 10.56 7.12 2.75
CA ARG F 200 11.66 6.11 2.70
C ARG F 200 12.32 6.21 1.33
N ASN F 201 11.66 6.71 0.31
CA ASN F 201 12.29 6.98 -0.99
C ASN F 201 12.95 8.35 -0.93
N TYR F 202 12.48 9.23 -0.07
CA TYR F 202 13.15 10.53 0.16
C TYR F 202 14.53 10.29 0.76
N ILE F 203 14.63 9.42 1.78
CA ILE F 203 15.95 9.00 2.36
C ILE F 203 16.77 8.29 1.27
N HIS F 204 16.16 7.44 0.47
CA HIS F 204 16.83 6.72 -0.63
C HIS F 204 17.37 7.71 -1.66
N MET F 205 16.60 8.74 -1.99
CA MET F 205 17.00 9.68 -3.06
C MET F 205 18.24 10.45 -2.59
N HIS F 206 18.27 10.84 -1.32
CA HIS F 206 19.46 11.50 -0.72
C HIS F 206 20.62 10.50 -0.68
N LEU F 207 20.39 9.26 -0.30
CA LEU F 207 21.45 8.22 -0.28
C LEU F 207 21.98 7.99 -1.70
N PHE F 208 21.10 7.95 -2.68
CA PHE F 208 21.54 7.72 -4.07
C PHE F 208 22.42 8.87 -4.50
N LEU F 209 22.04 10.08 -4.11
CA LEU F 209 22.80 11.31 -4.49
C LEU F 209 24.22 11.24 -3.92
N SER F 210 24.35 10.76 -2.68
CA SER F 210 25.64 10.67 -1.98
C SER F 210 26.60 9.72 -2.72
N PHE F 211 26.11 8.60 -3.19
CA PHE F 211 26.93 7.62 -3.96
C PHE F 211 27.37 8.23 -5.27
N MET F 212 26.47 8.97 -5.94
CA MET F 212 26.79 9.52 -7.28
C MET F 212 27.84 10.63 -7.09
N LEU F 213 27.65 11.49 -6.10
CA LEU F 213 28.63 12.57 -5.83
C LEU F 213 29.97 11.96 -5.41
N ARG F 214 29.98 10.88 -4.65
CA ARG F 214 31.24 10.25 -4.24
C ARG F 214 31.96 9.70 -5.47
N ALA F 215 31.25 9.04 -6.39
CA ALA F 215 31.87 8.59 -7.66
C ALA F 215 32.33 9.80 -8.49
N VAL F 216 31.54 10.87 -8.56
CA VAL F 216 31.93 12.10 -9.30
C VAL F 216 33.19 12.71 -8.68
N SER F 217 33.23 12.82 -7.37
CA SER F 217 34.34 13.47 -6.68
C SER F 217 35.65 12.71 -6.95
N ILE F 218 35.59 11.39 -6.92
CA ILE F 218 36.78 10.53 -7.16
C ILE F 218 37.26 10.73 -8.59
N PHE F 219 36.36 10.81 -9.55
CA PHE F 219 36.73 11.00 -10.97
C PHE F 219 37.42 12.34 -11.14
N VAL F 220 36.88 13.38 -10.52
CA VAL F 220 37.48 14.74 -10.58
C VAL F 220 38.86 14.69 -9.90
N LYS F 221 38.96 14.05 -8.73
CA LYS F 221 40.20 14.06 -7.94
C LYS F 221 41.32 13.37 -8.72
N ASP F 222 41.09 12.26 -9.38
CA ASP F 222 42.18 11.60 -10.15
C ASP F 222 42.66 12.49 -11.31
N ALA F 223 41.73 13.12 -12.04
CA ALA F 223 42.05 13.92 -13.23
C ALA F 223 42.72 15.24 -12.87
N VAL F 224 42.73 15.63 -11.61
CA VAL F 224 43.34 16.92 -11.16
C VAL F 224 44.70 16.63 -10.53
N LEU F 225 44.77 15.69 -9.60
CA LEU F 225 46.00 15.44 -8.81
C LEU F 225 46.99 14.65 -9.64
N TYR F 226 46.65 13.42 -9.98
CA TYR F 226 47.65 12.44 -10.43
C TYR F 226 48.08 12.78 -11.85
N SER F 227 47.13 13.05 -12.75
CA SER F 227 47.44 13.47 -14.14
C SER F 227 47.83 14.94 -14.19
N GLY F 228 48.45 15.38 -15.28
CA GLY F 228 48.80 16.80 -15.49
C GLY F 228 47.59 17.64 -15.85
N ALA F 257 48.73 30.47 -4.58
CA ALA F 257 48.79 30.54 -6.05
C ALA F 257 48.98 29.13 -6.65
N GLY F 258 48.01 28.66 -7.45
CA GLY F 258 48.07 27.37 -8.17
C GLY F 258 47.55 26.19 -7.35
N TYR F 259 48.04 26.01 -6.13
CA TYR F 259 47.65 24.85 -5.26
C TYR F 259 46.18 24.93 -4.80
N ALA F 260 45.56 26.10 -4.90
CA ALA F 260 44.12 26.32 -4.64
C ALA F 260 43.28 25.31 -5.43
N GLY F 261 43.55 25.19 -6.73
CA GLY F 261 42.71 24.44 -7.67
C GLY F 261 42.60 22.99 -7.26
N CYS F 262 43.71 22.38 -6.86
CA CYS F 262 43.77 20.95 -6.51
C CYS F 262 43.35 20.75 -5.05
N ARG F 263 43.60 21.72 -4.17
CA ARG F 263 43.22 21.62 -2.73
C ARG F 263 41.70 21.54 -2.61
N VAL F 264 40.97 22.18 -3.52
CA VAL F 264 39.48 22.11 -3.56
C VAL F 264 39.05 20.72 -4.01
N ALA F 265 39.75 20.08 -4.93
CA ALA F 265 39.44 18.69 -5.35
C ALA F 265 39.56 17.76 -4.14
N VAL F 266 40.61 17.93 -3.33
CA VAL F 266 40.84 17.03 -2.18
C VAL F 266 39.80 17.28 -1.06
N THR F 267 39.53 18.54 -0.73
CA THR F 267 38.54 18.84 0.33
C THR F 267 37.13 18.46 -0.09
N PHE F 268 36.83 18.46 -1.39
CA PHE F 268 35.52 17.95 -1.88
C PHE F 268 35.52 16.45 -1.85
N PHE F 269 36.63 15.83 -2.25
CA PHE F 269 36.78 14.36 -2.21
C PHE F 269 36.54 13.87 -0.78
N LEU F 270 37.17 14.51 0.20
CA LEU F 270 37.10 14.08 1.62
C LEU F 270 35.75 14.43 2.21
N TYR F 271 34.95 15.31 1.62
CA TYR F 271 33.61 15.63 2.17
C TYR F 271 32.59 14.66 1.58
N PHE F 272 32.53 14.54 0.27
CA PHE F 272 31.60 13.60 -0.39
C PHE F 272 31.90 12.15 -0.01
N LEU F 273 33.10 11.82 0.40
CA LEU F 273 33.38 10.46 0.88
C LEU F 273 32.80 10.32 2.31
N ALA F 274 32.84 11.37 3.13
CA ALA F 274 32.23 11.31 4.47
C ALA F 274 30.68 11.31 4.40
N THR F 275 30.08 12.06 3.50
CA THR F 275 28.62 12.13 3.36
C THR F 275 28.05 10.86 2.73
N ASN F 276 28.88 9.98 2.21
CA ASN F 276 28.37 8.67 1.77
C ASN F 276 28.40 7.71 2.93
N TYR F 277 29.26 7.91 3.91
CA TYR F 277 29.34 7.03 5.08
C TYR F 277 28.35 7.51 6.13
N TYR F 278 27.72 8.65 5.95
CA TYR F 278 26.70 9.14 6.92
C TYR F 278 25.29 9.05 6.32
N TRP F 279 25.15 9.05 5.03
CA TRP F 279 23.88 8.65 4.37
C TRP F 279 23.69 7.15 4.37
N ILE F 280 24.74 6.36 4.49
CA ILE F 280 24.60 4.92 4.83
C ILE F 280 24.11 4.79 6.28
N LEU F 281 24.61 5.60 7.20
CA LEU F 281 24.23 5.53 8.63
C LEU F 281 22.81 6.04 8.79
N VAL F 282 22.42 7.05 8.01
CA VAL F 282 21.05 7.61 8.14
C VAL F 282 20.09 6.51 7.74
N GLU F 283 20.35 5.87 6.62
CA GLU F 283 19.46 4.80 6.17
C GLU F 283 19.41 3.72 7.24
N GLY F 284 20.52 3.39 7.84
CA GLY F 284 20.56 2.40 8.92
C GLY F 284 19.87 2.89 10.17
N LEU F 285 19.94 4.18 10.47
CA LEU F 285 19.32 4.76 11.70
C LEU F 285 17.82 4.93 11.46
N TYR F 286 17.41 5.20 10.24
CA TYR F 286 15.98 5.38 9.91
C TYR F 286 15.25 4.04 9.98
N LEU F 287 15.77 3.01 9.32
CA LEU F 287 15.15 1.66 9.37
C LEU F 287 15.13 1.18 10.83
N HIS F 288 16.15 1.45 11.60
CA HIS F 288 16.23 1.01 13.01
C HIS F 288 15.27 1.84 13.86
N SER F 289 14.76 2.99 13.38
CA SER F 289 13.75 3.78 14.13
C SER F 289 12.33 3.32 13.76
N LEU F 290 12.08 2.89 12.55
CA LEU F 290 10.73 2.41 12.15
C LEU F 290 10.36 1.12 12.89
N ILE F 291 11.28 0.41 13.52
CA ILE F 291 11.03 -0.92 14.10
C ILE F 291 11.20 -0.80 15.62
N PHE F 292 12.27 -0.20 16.09
CA PHE F 292 12.75 -0.34 17.49
C PHE F 292 12.23 0.83 18.32
N MET F 293 11.29 1.62 17.81
CA MET F 293 10.48 2.40 18.76
C MET F 293 9.02 2.41 18.31
N ALA F 294 8.13 2.13 19.28
CA ALA F 294 6.69 1.90 19.10
C ALA F 294 6.07 3.10 18.37
N PHE F 295 5.63 2.88 17.12
CA PHE F 295 4.85 3.87 16.33
C PHE F 295 5.68 5.16 16.16
N PHE F 296 6.90 5.00 15.63
CA PHE F 296 7.82 6.08 15.17
C PHE F 296 7.08 7.00 14.21
N SER F 297 7.10 8.33 14.42
CA SER F 297 6.52 9.31 13.45
C SER F 297 7.27 9.16 12.12
N GLU F 298 6.69 8.42 11.20
CA GLU F 298 7.40 7.93 9.98
C GLU F 298 7.78 9.13 9.09
N LYS F 299 7.13 10.29 9.25
CA LYS F 299 7.20 11.49 8.39
C LYS F 299 7.91 12.64 9.10
N LYS F 300 8.04 12.64 10.44
CA LYS F 300 8.82 13.67 11.18
C LYS F 300 10.28 13.23 11.25
N TYR F 301 11.12 14.00 11.95
CA TYR F 301 12.57 13.77 12.09
C TYR F 301 13.25 13.81 10.71
N LEU F 302 12.58 14.28 9.67
CA LEU F 302 13.12 14.17 8.31
C LEU F 302 14.18 15.25 8.06
N TRP F 303 13.97 16.46 8.58
CA TRP F 303 14.95 17.56 8.57
C TRP F 303 16.14 17.22 9.45
N GLY F 304 15.96 16.44 10.51
CA GLY F 304 17.06 16.05 11.40
C GLY F 304 18.03 15.12 10.68
N PHE F 305 17.50 14.18 9.91
CA PHE F 305 18.31 13.21 9.13
C PHE F 305 19.06 13.96 8.05
N THR F 306 18.39 14.87 7.36
CA THR F 306 19.00 15.59 6.21
C THR F 306 20.18 16.45 6.67
N VAL F 307 20.04 17.19 7.77
CA VAL F 307 21.16 18.00 8.31
C VAL F 307 22.18 17.11 9.00
N PHE F 308 21.95 15.83 9.16
CA PHE F 308 22.93 14.89 9.75
C PHE F 308 23.74 14.22 8.65
N GLY F 309 23.08 13.75 7.58
CA GLY F 309 23.76 13.07 6.47
C GLY F 309 24.70 14.03 5.78
N TRP F 310 24.22 15.23 5.49
CA TRP F 310 24.99 16.24 4.71
C TRP F 310 25.68 17.23 5.65
N GLY F 311 25.21 17.43 6.86
CA GLY F 311 25.67 18.55 7.66
C GLY F 311 26.81 18.16 8.53
N LEU F 312 26.64 17.10 9.32
CA LEU F 312 27.68 16.71 10.32
C LEU F 312 28.99 16.33 9.61
N PRO F 313 29.02 15.67 8.44
CA PRO F 313 30.26 15.57 7.66
C PRO F 313 30.93 16.91 7.35
N ALA F 314 30.16 17.93 7.01
CA ALA F 314 30.68 19.28 6.72
C ALA F 314 31.28 19.93 7.98
N VAL F 315 31.02 19.43 9.18
CA VAL F 315 31.60 20.03 10.41
C VAL F 315 33.03 19.55 10.56
N PHE F 316 33.24 18.23 10.60
CA PHE F 316 34.60 17.68 10.86
C PHE F 316 35.49 17.83 9.60
N VAL F 317 34.94 18.00 8.40
CA VAL F 317 35.78 18.35 7.22
C VAL F 317 36.29 19.78 7.35
N ALA F 318 35.46 20.72 7.78
CA ALA F 318 35.89 22.12 8.03
C ALA F 318 36.87 22.16 9.20
N VAL F 319 36.71 21.29 10.19
CA VAL F 319 37.71 21.20 11.29
C VAL F 319 39.01 20.66 10.72
N TRP F 320 38.95 19.66 9.84
CA TRP F 320 40.18 19.09 9.20
C TRP F 320 40.86 20.18 8.38
N VAL F 321 40.07 20.91 7.59
CA VAL F 321 40.63 21.94 6.69
C VAL F 321 41.27 23.03 7.55
N SER F 322 40.60 23.45 8.61
CA SER F 322 41.06 24.55 9.48
C SER F 322 42.45 24.21 9.98
N VAL F 323 42.57 23.06 10.61
CA VAL F 323 43.83 22.68 11.31
C VAL F 323 44.89 22.43 10.26
N ARG F 324 44.52 21.86 9.11
CA ARG F 324 45.48 21.62 8.02
C ARG F 324 45.98 22.94 7.42
N ALA F 325 45.12 23.95 7.31
CA ALA F 325 45.47 25.25 6.68
C ALA F 325 46.43 26.01 7.61
N THR F 326 46.14 26.05 8.89
CA THR F 326 46.96 26.82 9.84
C THR F 326 48.24 26.05 10.12
N LEU F 327 48.13 24.76 10.40
CA LEU F 327 49.30 23.91 10.76
C LEU F 327 49.55 22.94 9.62
N ALA F 328 50.77 22.91 9.09
CA ALA F 328 51.17 21.99 8.01
C ALA F 328 50.28 22.22 6.80
N ASN F 329 50.43 23.41 6.20
CA ASN F 329 49.79 23.82 4.91
C ASN F 329 50.64 23.38 3.70
N THR F 330 51.44 22.33 3.84
CA THR F 330 52.38 21.88 2.79
C THR F 330 51.59 21.32 1.61
N GLY F 331 51.95 21.67 0.39
CA GLY F 331 51.51 20.94 -0.81
C GLY F 331 50.01 21.06 -1.06
N CYS F 332 49.45 20.03 -1.68
CA CYS F 332 48.02 19.96 -2.08
C CYS F 332 47.21 19.12 -1.06
N TRP F 333 47.66 19.02 0.17
CA TRP F 333 46.99 18.23 1.24
C TRP F 333 46.74 16.76 0.85
N ASP F 334 47.27 16.27 -0.27
CA ASP F 334 47.16 14.85 -0.66
C ASP F 334 48.41 14.15 -0.08
N LEU F 335 48.77 14.43 1.16
CA LEU F 335 50.00 13.83 1.78
C LEU F 335 49.76 13.80 3.27
N SER F 336 49.83 12.62 3.85
CA SER F 336 49.52 12.35 5.26
C SER F 336 50.45 13.20 6.13
N SER F 337 49.88 14.18 6.82
CA SER F 337 50.50 14.95 7.92
C SER F 337 50.73 14.04 9.16
N GLY F 338 51.05 14.64 10.31
CA GLY F 338 51.18 13.89 11.58
C GLY F 338 50.00 12.96 11.85
N ASN F 339 48.89 13.54 12.30
CA ASN F 339 47.67 12.80 12.71
C ASN F 339 46.42 13.58 12.30
N LYS F 340 46.55 14.48 11.34
CA LYS F 340 45.39 15.30 10.92
C LYS F 340 44.43 14.41 10.16
N LYS F 341 44.84 13.21 9.73
CA LYS F 341 43.90 12.27 9.04
C LYS F 341 42.83 11.79 10.01
N TRP F 342 43.16 11.59 11.30
CA TRP F 342 42.18 11.06 12.29
C TRP F 342 41.11 12.13 12.57
N ILE F 343 41.32 13.38 12.17
CA ILE F 343 40.30 14.44 12.33
C ILE F 343 39.16 14.10 11.42
N ILE F 344 39.40 13.54 10.25
CA ILE F 344 38.29 13.27 9.29
C ILE F 344 37.83 11.82 9.32
N GLN F 345 38.68 10.89 9.72
CA GLN F 345 38.34 9.47 9.56
C GLN F 345 38.18 8.73 10.90
N VAL F 346 38.18 9.36 12.07
CA VAL F 346 37.58 8.70 13.27
C VAL F 346 36.07 8.89 13.24
N PRO F 347 35.51 10.03 12.82
CA PRO F 347 34.08 10.08 12.64
C PRO F 347 33.57 9.07 11.61
N ILE F 348 34.33 8.84 10.57
CA ILE F 348 33.92 7.85 9.55
C ILE F 348 33.98 6.46 10.17
N LEU F 349 35.04 6.15 10.93
CA LEU F 349 35.11 4.80 11.52
C LEU F 349 34.06 4.67 12.63
N ALA F 350 33.66 5.77 13.28
CA ALA F 350 32.59 5.75 14.30
C ALA F 350 31.28 5.31 13.66
N SER F 351 30.92 5.92 12.53
CA SER F 351 29.75 5.52 11.70
C SER F 351 29.77 4.00 11.41
N ILE F 352 30.91 3.45 11.00
CA ILE F 352 30.99 2.08 10.46
C ILE F 352 30.75 1.09 11.60
N VAL F 353 31.24 1.36 12.79
CA VAL F 353 30.95 0.48 13.95
C VAL F 353 29.47 0.61 14.31
N LEU F 354 28.89 1.81 14.28
CA LEU F 354 27.46 1.96 14.64
C LEU F 354 26.57 1.23 13.64
N ASN F 355 26.80 1.35 12.35
CA ASN F 355 25.96 0.66 11.37
C ASN F 355 26.04 -0.83 11.66
N PHE F 356 27.19 -1.37 11.95
CA PHE F 356 27.27 -2.83 12.19
C PHE F 356 26.49 -3.21 13.46
N ILE F 357 26.51 -2.36 14.47
CA ILE F 357 25.63 -2.54 15.67
C ILE F 357 24.15 -2.51 15.24
N LEU F 358 23.76 -1.54 14.45
CA LEU F 358 22.38 -1.42 13.95
C LEU F 358 22.06 -2.59 13.03
N PHE F 359 23.01 -3.11 12.30
CA PHE F 359 22.76 -4.24 11.38
C PHE F 359 22.42 -5.46 12.21
N ILE F 360 23.10 -5.66 13.32
CA ILE F 360 22.82 -6.85 14.17
C ILE F 360 21.39 -6.72 14.69
N ASN F 361 21.03 -5.56 15.21
CA ASN F 361 19.68 -5.37 15.80
C ASN F 361 18.57 -5.72 14.78
N ILE F 362 18.67 -5.26 13.55
CA ILE F 362 17.62 -5.53 12.54
C ILE F 362 17.59 -7.03 12.21
N VAL F 363 18.74 -7.70 12.19
CA VAL F 363 18.77 -9.15 11.88
C VAL F 363 18.27 -9.93 13.12
N ARG F 364 18.54 -9.45 14.33
CA ARG F 364 18.05 -10.11 15.57
C ARG F 364 16.54 -9.99 15.68
N VAL F 365 15.90 -9.08 14.96
CA VAL F 365 14.42 -8.96 14.98
C VAL F 365 13.81 -9.52 13.73
N LEU F 366 14.47 -9.56 12.60
CA LEU F 366 13.93 -10.39 11.49
C LEU F 366 13.89 -11.85 11.95
N ALA F 367 14.87 -12.31 12.72
CA ALA F 367 14.91 -13.68 13.22
C ALA F 367 13.76 -13.88 14.18
N THR F 368 13.54 -12.91 15.07
CA THR F 368 12.48 -13.01 16.10
C THR F 368 11.14 -13.02 15.41
N LYS F 369 10.95 -12.14 14.42
CA LYS F 369 9.65 -12.03 13.71
C LYS F 369 9.40 -13.26 12.87
N LEU F 370 10.41 -13.85 12.27
CA LEU F 370 10.20 -15.04 11.42
C LEU F 370 9.92 -16.28 12.26
N ARG F 371 10.04 -16.21 13.59
CA ARG F 371 9.61 -17.33 14.47
C ARG F 371 8.23 -17.03 15.04
N GLU F 372 8.00 -15.82 15.53
CA GLU F 372 6.74 -15.40 16.17
C GLU F 372 5.77 -15.02 15.06
N THR F 373 5.49 -15.94 14.14
CA THR F 373 4.56 -15.68 13.02
C THR F 373 3.34 -16.57 13.22
N ASN F 374 2.14 -15.96 13.26
CA ASN F 374 0.84 -16.67 13.43
C ASN F 374 0.94 -17.61 14.65
N ALA F 375 1.39 -17.07 15.78
CA ALA F 375 1.60 -17.82 17.05
C ALA F 375 2.62 -18.94 16.85
N GLY F 376 3.61 -18.72 15.99
CA GLY F 376 4.68 -19.69 15.69
C GLY F 376 4.25 -20.84 14.81
N ARG F 377 3.03 -20.82 14.23
CA ARG F 377 2.53 -21.98 13.44
C ARG F 377 2.83 -21.72 11.96
N CYS F 378 2.72 -20.48 11.47
CA CYS F 378 3.02 -20.12 10.05
C CYS F 378 4.46 -20.49 9.69
N ASP F 379 5.38 -20.43 10.67
CA ASP F 379 6.82 -20.76 10.49
C ASP F 379 6.95 -22.25 10.14
N THR F 380 7.77 -22.54 9.13
CA THR F 380 8.09 -23.91 8.65
C THR F 380 9.41 -24.38 9.27
N ARG F 381 10.01 -23.62 10.19
CA ARG F 381 11.29 -23.96 10.88
C ARG F 381 12.43 -24.17 9.86
N GLN F 382 12.27 -23.63 8.66
CA GLN F 382 13.30 -23.58 7.61
C GLN F 382 13.38 -22.12 7.16
N GLN F 383 13.12 -21.15 8.04
CA GLN F 383 13.06 -19.70 7.68
C GLN F 383 14.47 -19.15 7.39
N TYR F 384 15.51 -19.99 7.52
CA TYR F 384 16.86 -19.79 6.94
C TYR F 384 16.79 -19.25 5.49
N ARG F 385 15.82 -19.67 4.68
CA ARG F 385 15.70 -19.22 3.26
C ARG F 385 15.30 -17.76 3.22
N LYS F 386 14.44 -17.31 4.13
CA LYS F 386 13.92 -15.92 4.12
C LYS F 386 14.80 -15.03 5.01
N LEU F 387 15.35 -15.56 6.10
CA LEU F 387 16.25 -14.79 7.00
C LEU F 387 17.56 -14.46 6.31
N LEU F 388 18.15 -15.43 5.57
CA LEU F 388 19.40 -15.19 4.80
C LEU F 388 19.15 -14.19 3.66
N LYS F 389 18.05 -14.31 2.93
CA LYS F 389 17.79 -13.45 1.77
C LYS F 389 17.52 -12.03 2.24
N SER F 390 16.88 -11.87 3.39
CA SER F 390 16.61 -10.54 3.98
C SER F 390 17.91 -9.98 4.56
N THR F 391 18.79 -10.84 5.08
CA THR F 391 20.13 -10.42 5.57
C THR F 391 21.01 -9.94 4.42
N LEU F 392 21.00 -10.66 3.29
CA LEU F 392 21.87 -10.33 2.15
C LEU F 392 21.52 -8.95 1.60
N VAL F 393 20.24 -8.63 1.47
CA VAL F 393 19.83 -7.36 0.84
C VAL F 393 20.18 -6.21 1.77
N LEU F 394 20.30 -6.47 3.07
CA LEU F 394 20.66 -5.39 4.02
C LEU F 394 22.16 -5.08 4.01
N MET F 395 23.01 -5.94 3.46
CA MET F 395 24.48 -5.70 3.46
C MET F 395 24.85 -4.51 2.57
N PRO F 396 24.44 -4.39 1.30
CA PRO F 396 24.67 -3.15 0.59
C PRO F 396 24.05 -1.92 1.28
N LEU F 397 22.88 -2.03 1.88
CA LEU F 397 22.16 -0.85 2.42
C LEU F 397 22.92 -0.32 3.62
N PHE F 398 23.49 -1.18 4.45
CA PHE F 398 24.34 -0.74 5.59
C PHE F 398 25.79 -0.82 5.14
N GLY F 399 26.69 -0.39 6.01
CA GLY F 399 28.12 -0.55 5.71
C GLY F 399 28.61 -1.77 6.40
N VAL F 400 28.64 -2.90 5.69
CA VAL F 400 28.93 -4.19 6.38
C VAL F 400 30.29 -4.67 5.92
N HIS F 401 30.57 -4.59 4.62
CA HIS F 401 31.93 -4.89 4.09
C HIS F 401 32.98 -3.90 4.59
N TYR F 402 32.60 -2.75 5.15
CA TYR F 402 33.54 -1.81 5.77
C TYR F 402 34.04 -2.34 7.12
N ILE F 403 33.35 -3.26 7.77
CA ILE F 403 33.75 -3.66 9.14
C ILE F 403 35.01 -4.57 9.09
N VAL F 404 35.25 -5.26 7.97
CA VAL F 404 36.33 -6.28 7.89
C VAL F 404 37.68 -5.57 7.99
N PHE F 405 37.87 -4.47 7.26
CA PHE F 405 39.10 -3.64 7.28
C PHE F 405 38.71 -2.27 7.75
N MET F 406 38.66 -2.12 9.06
CA MET F 406 38.25 -0.84 9.68
C MET F 406 39.33 -0.39 10.65
N ALA F 407 39.80 -1.24 11.57
CA ALA F 407 40.83 -0.90 12.57
C ALA F 407 42.22 -1.31 12.06
N THR F 408 42.33 -1.65 10.76
CA THR F 408 43.63 -1.85 10.09
C THR F 408 44.47 -0.60 10.24
N PRO F 409 45.75 -0.69 10.65
CA PRO F 409 46.65 0.47 10.60
C PRO F 409 47.09 0.83 9.16
N TYR F 410 47.88 1.88 9.03
CA TYR F 410 48.54 2.24 7.74
C TYR F 410 49.73 1.30 7.53
N THR F 411 49.59 0.35 6.61
CA THR F 411 50.66 -0.63 6.29
C THR F 411 51.45 -0.19 5.05
N GLU F 412 52.56 -0.87 4.76
CA GLU F 412 53.37 -0.51 3.56
C GLU F 412 52.59 -0.98 2.34
N VAL F 413 52.82 -0.36 1.19
CA VAL F 413 52.05 -0.66 -0.04
C VAL F 413 52.34 -2.11 -0.48
N SER F 414 53.56 -2.59 -0.35
CA SER F 414 53.84 -4.04 -0.53
C SER F 414 53.29 -4.84 0.66
N GLY F 415 53.05 -6.14 0.46
CA GLY F 415 52.58 -7.05 1.52
C GLY F 415 51.09 -7.28 1.45
N THR F 416 50.68 -8.51 1.74
CA THR F 416 49.37 -9.02 1.34
C THR F 416 48.29 -8.34 2.17
N LEU F 417 48.55 -7.94 3.41
CA LEU F 417 47.54 -7.24 4.24
C LEU F 417 47.09 -5.96 3.54
N TRP F 418 48.01 -5.15 3.01
CA TRP F 418 47.65 -3.92 2.25
C TRP F 418 47.02 -4.26 0.89
N GLN F 419 47.58 -5.23 0.15
CA GLN F 419 47.16 -5.49 -1.26
C GLN F 419 45.74 -6.01 -1.27
N VAL F 420 45.40 -6.88 -0.34
CA VAL F 420 44.02 -7.45 -0.25
C VAL F 420 43.09 -6.37 0.28
N GLN F 421 43.51 -5.52 1.21
CA GLN F 421 42.66 -4.44 1.77
C GLN F 421 42.25 -3.51 0.64
N MET F 422 43.16 -3.11 -0.22
CA MET F 422 42.82 -2.22 -1.36
C MET F 422 42.14 -3.02 -2.45
N HIS F 423 42.49 -4.28 -2.69
CA HIS F 423 41.81 -5.09 -3.75
C HIS F 423 40.44 -5.56 -3.27
N TYR F 424 40.17 -5.47 -1.97
CA TYR F 424 38.84 -5.77 -1.40
C TYR F 424 38.02 -4.49 -1.37
N GLU F 425 38.49 -3.50 -0.63
CA GLU F 425 37.73 -2.23 -0.36
C GLU F 425 37.45 -1.50 -1.66
N MET F 426 38.40 -1.45 -2.57
CA MET F 426 38.16 -0.67 -3.81
C MET F 426 37.28 -1.49 -4.74
N LEU F 427 37.20 -2.80 -4.59
CA LEU F 427 36.30 -3.62 -5.46
C LEU F 427 34.85 -3.50 -5.01
N PHE F 428 34.62 -3.39 -3.70
CA PHE F 428 33.24 -3.33 -3.13
C PHE F 428 32.76 -1.91 -2.88
N ASN F 429 33.66 -0.99 -2.55
CA ASN F 429 33.25 0.43 -2.42
C ASN F 429 32.75 0.89 -3.77
N SER F 430 33.30 0.35 -4.85
CA SER F 430 32.94 0.75 -6.23
C SER F 430 31.53 0.31 -6.57
N PHE F 431 31.23 -0.95 -6.37
CA PHE F 431 29.93 -1.53 -6.80
C PHE F 431 28.84 -1.39 -5.70
N GLN F 432 29.10 -0.77 -4.56
CA GLN F 432 28.07 -0.63 -3.51
C GLN F 432 26.89 0.19 -4.06
N GLY F 433 27.17 1.24 -4.81
CA GLY F 433 26.12 2.06 -5.46
C GLY F 433 25.39 1.30 -6.54
N PHE F 434 26.02 0.28 -7.13
CA PHE F 434 25.33 -0.57 -8.13
C PHE F 434 24.31 -1.46 -7.46
N PHE F 435 24.71 -2.14 -6.40
CA PHE F 435 23.82 -3.10 -5.70
C PHE F 435 22.71 -2.33 -5.00
N VAL F 436 23.03 -1.19 -4.39
CA VAL F 436 22.00 -0.35 -3.72
C VAL F 436 20.97 0.11 -4.74
N ALA F 437 21.36 0.54 -5.93
CA ALA F 437 20.41 0.99 -6.98
C ALA F 437 19.58 -0.19 -7.47
N ILE F 438 20.21 -1.34 -7.73
CA ILE F 438 19.47 -2.57 -8.17
C ILE F 438 18.45 -2.93 -7.10
N ILE F 439 18.90 -3.17 -5.87
CA ILE F 439 18.06 -3.83 -4.85
C ILE F 439 16.90 -2.87 -4.51
N TYR F 440 17.17 -1.59 -4.34
CA TYR F 440 16.21 -0.67 -3.72
C TYR F 440 15.54 0.26 -4.73
N CYS F 441 15.84 0.19 -6.01
CA CYS F 441 15.00 0.86 -7.04
C CYS F 441 14.56 -0.12 -8.13
N PHE F 442 15.46 -0.87 -8.73
CA PHE F 442 15.16 -1.67 -9.94
C PHE F 442 14.31 -2.89 -9.55
N CYS F 443 14.79 -3.79 -8.68
CA CYS F 443 14.04 -5.01 -8.30
C CYS F 443 13.09 -4.71 -7.13
N ASN F 444 12.83 -3.43 -6.85
CA ASN F 444 11.79 -3.03 -5.87
C ASN F 444 10.43 -3.39 -6.47
N GLY F 445 9.59 -4.07 -5.67
CA GLY F 445 8.25 -4.49 -6.11
C GLY F 445 7.38 -3.29 -6.39
N GLU F 446 7.42 -2.32 -5.51
CA GLU F 446 6.52 -1.15 -5.50
C GLU F 446 6.89 -0.26 -6.69
N VAL F 447 8.13 -0.31 -7.15
CA VAL F 447 8.58 0.50 -8.32
C VAL F 447 8.29 -0.29 -9.60
N GLN F 448 8.60 -1.59 -9.63
CA GLN F 448 8.26 -2.45 -10.79
C GLN F 448 6.76 -2.39 -11.04
N ALA F 449 5.94 -2.43 -9.97
CA ALA F 449 4.46 -2.45 -10.07
C ALA F 449 4.00 -1.16 -10.76
N GLU F 450 4.60 -0.02 -10.40
CA GLU F 450 4.25 1.26 -11.05
C GLU F 450 4.68 1.21 -12.52
N ILE F 451 5.83 0.63 -12.83
CA ILE F 451 6.31 0.48 -14.24
C ILE F 451 5.28 -0.32 -15.03
N LYS F 452 4.76 -1.40 -14.45
CA LYS F 452 3.78 -2.29 -15.14
C LYS F 452 2.56 -1.48 -15.53
N LYS F 453 2.03 -0.66 -14.60
CA LYS F 453 0.78 0.12 -14.83
C LYS F 453 1.09 1.30 -15.76
N SER F 454 2.24 1.95 -15.60
CA SER F 454 2.53 3.20 -16.36
C SER F 454 2.74 2.87 -17.84
N TRP F 455 3.26 1.69 -18.16
CA TRP F 455 3.42 1.27 -19.59
C TRP F 455 2.04 1.16 -20.25
N SER F 456 1.04 0.63 -19.53
CA SER F 456 -0.35 0.54 -20.02
C SER F 456 -0.92 1.94 -20.25
N ARG F 457 -0.69 2.86 -19.32
CA ARG F 457 -1.17 4.27 -19.44
C ARG F 457 -0.48 4.94 -20.63
N TRP F 458 0.83 4.74 -20.77
CA TRP F 458 1.66 5.43 -21.80
C TRP F 458 1.47 4.78 -23.17
N THR F 459 0.79 3.62 -23.26
CA THR F 459 0.56 2.94 -24.56
C THR F 459 -0.92 2.96 -24.94
N LEU F 460 -1.82 2.45 -24.07
CA LEU F 460 -3.28 2.29 -24.39
C LEU F 460 -3.96 3.67 -24.48
N ALA F 461 -3.49 4.68 -23.74
CA ALA F 461 -4.05 6.06 -23.77
C ALA F 461 -3.23 6.94 -24.70
#